data_3K23
#
_entry.id   3K23
#
_cell.length_a   184.927
_cell.length_b   65.956
_cell.length_c   71.528
_cell.angle_alpha   90.00
_cell.angle_beta   103.64
_cell.angle_gamma   90.00
#
_symmetry.space_group_name_H-M   'C 1 2 1'
#
loop_
_entity.id
_entity.type
_entity.pdbx_description
1 polymer 'Glucocorticoid receptor'
2 polymer 'Nuclear receptor coactivator 2'
3 non-polymer 1-{[3-(4-{[(2R)-4-(5-fluoro-2-methoxyphenyl)-2-hydroxy-4-methyl-2-(trifluoromethyl)pentyl]amino}-6-methyl-1H-indazol-1-yl)phenyl]carbonyl}-D-prolinamide
4 water water
#
loop_
_entity_poly.entity_id
_entity_poly.type
_entity_poly.pdbx_seq_one_letter_code
_entity_poly.pdbx_strand_id
1 'polypeptide(L)'
;GSVPATLPQLTPTLVSLLEVIEPEVLYAGYDSSVPDSTWRIMTTLNMLGGRQVIAAVKWAKAIPGFRNLHLDDQMTLLQY
SWMYLMAFALGWRSYRQSSANLLCFAPDLIINEQRMTLPGMYDQCKHMLYVSSELHRLQVSYEEYLCMKTLLLLSSVPKD
GLKSQELFDEIRMTYIKELGKAIVKREGNSSQNWQRFYQLTKLLDSMHEVVENLLNYCFQTFLDKTMSIEFPEMLAEIIT
NQIPKYSNGNIKKLLFHQK
;
A,B,C
2 'polypeptide(L)' KENALLRYLLDK D,E,F
#
loop_
_chem_comp.id
_chem_comp.type
_chem_comp.name
_chem_comp.formula
JZN non-polymer 1-{[3-(4-{[(2R)-4-(5-fluoro-2-methoxyphenyl)-2-hydroxy-4-methyl-2-(trifluoromethyl)pentyl]amino}-6-methyl-1H-indazol-1-yl)phenyl]carbonyl}-D-prolinamide 'C34 H37 F4 N5 O4'
#
# COMPACT_ATOMS: atom_id res chain seq x y z
N LEU A 7 -8.94 41.53 -33.89
CA LEU A 7 -10.09 41.85 -34.76
C LEU A 7 -11.02 40.64 -34.99
N PRO A 8 -10.47 39.48 -35.37
CA PRO A 8 -11.32 38.28 -35.44
C PRO A 8 -11.50 37.56 -34.08
N GLN A 9 -10.96 38.14 -33.01
CA GLN A 9 -11.27 37.66 -31.66
C GLN A 9 -12.71 38.04 -31.34
N LEU A 10 -13.23 39.03 -32.08
CA LEU A 10 -14.67 39.32 -32.12
C LEU A 10 -15.49 38.06 -32.48
N THR A 11 -15.11 37.34 -33.54
CA THR A 11 -15.84 36.14 -33.97
C THR A 11 -15.78 35.05 -32.89
N PRO A 12 -16.89 34.86 -32.18
CA PRO A 12 -16.83 34.01 -31.00
C PRO A 12 -16.80 32.53 -31.35
N THR A 13 -15.97 31.76 -30.65
CA THR A 13 -15.99 30.30 -30.76
C THR A 13 -17.08 29.77 -29.84
N LEU A 14 -17.29 28.47 -29.91
CA LEU A 14 -18.30 27.81 -29.09
C LEU A 14 -17.87 27.85 -27.62
N VAL A 15 -16.57 27.81 -27.38
CA VAL A 15 -16.05 27.79 -26.01
C VAL A 15 -16.15 29.17 -25.37
N SER A 16 -15.76 30.22 -26.07
CA SER A 16 -15.92 31.57 -25.54
C SER A 16 -17.41 31.84 -25.20
N LEU A 17 -18.30 31.14 -25.88
CA LEU A 17 -19.71 31.26 -25.62
C LEU A 17 -20.01 30.57 -24.29
N LEU A 18 -19.63 29.30 -24.20
CA LEU A 18 -19.74 28.53 -22.95
C LEU A 18 -19.13 29.29 -21.75
N GLU A 19 -18.03 29.97 -22.01
CA GLU A 19 -17.34 30.78 -20.98
C GLU A 19 -18.28 31.84 -20.36
N VAL A 20 -19.12 32.48 -21.19
CA VAL A 20 -19.89 33.66 -20.74
C VAL A 20 -21.29 33.34 -20.23
N ILE A 21 -21.68 32.06 -20.28
CA ILE A 21 -22.97 31.63 -19.76
C ILE A 21 -22.84 30.80 -18.48
N GLU A 22 -21.61 30.60 -18.01
CA GLU A 22 -21.41 29.85 -16.79
C GLU A 22 -22.15 30.55 -15.65
N PRO A 23 -22.97 29.82 -14.88
CA PRO A 23 -23.72 30.49 -13.82
C PRO A 23 -22.83 31.22 -12.83
N GLU A 24 -23.40 32.24 -12.21
CA GLU A 24 -22.70 33.06 -11.23
C GLU A 24 -22.65 32.26 -9.94
N VAL A 25 -21.67 32.53 -9.08
CA VAL A 25 -21.57 31.82 -7.80
C VAL A 25 -22.81 32.07 -6.90
N LEU A 26 -23.24 31.03 -6.20
CA LEU A 26 -24.40 31.14 -5.33
C LEU A 26 -23.98 30.83 -3.90
N TYR A 27 -24.73 31.36 -2.96
CA TYR A 27 -24.34 31.35 -1.58
C TYR A 27 -25.40 30.65 -0.75
N ALA A 28 -24.96 29.77 0.15
CA ALA A 28 -25.87 29.04 1.02
C ALA A 28 -26.68 29.96 1.93
N GLY A 29 -26.16 31.17 2.16
CA GLY A 29 -26.76 32.09 3.12
C GLY A 29 -26.61 31.39 4.44
N TYR A 30 -25.39 31.42 4.96
CA TYR A 30 -25.04 30.52 6.04
C TYR A 30 -23.68 30.87 6.64
N ASP A 31 -23.67 31.44 7.85
CA ASP A 31 -22.47 31.43 8.69
C ASP A 31 -22.63 30.48 9.86
N SER A 33 -29.63 32.52 15.40
CA SER A 33 -29.23 31.12 15.22
C SER A 33 -27.77 31.01 14.75
N VAL A 34 -27.20 29.81 14.86
CA VAL A 34 -25.77 29.59 14.58
C VAL A 34 -25.31 28.13 14.68
N PRO A 35 -25.91 27.36 15.59
CA PRO A 35 -25.49 25.98 15.88
C PRO A 35 -25.41 25.12 14.62
N ASP A 36 -24.44 24.21 14.58
CA ASP A 36 -24.14 23.41 13.38
C ASP A 36 -24.78 22.02 13.45
N SER A 37 -26.07 21.96 13.08
CA SER A 37 -26.84 20.71 13.16
C SER A 37 -26.95 20.03 11.81
N THR A 38 -27.23 18.72 11.87
CA THR A 38 -27.48 17.92 10.69
C THR A 38 -28.61 18.54 9.88
N TRP A 39 -29.77 18.69 10.52
CA TRP A 39 -30.99 19.15 9.85
C TRP A 39 -30.84 20.41 8.99
N ARG A 40 -30.28 21.47 9.56
CA ARG A 40 -30.20 22.76 8.86
C ARG A 40 -29.13 22.76 7.77
N ILE A 41 -28.01 22.08 8.02
CA ILE A 41 -26.97 21.93 7.01
C ILE A 41 -27.50 21.17 5.81
N MET A 42 -28.18 20.06 6.07
CA MET A 42 -28.82 19.29 5.00
C MET A 42 -29.90 20.13 4.32
N THR A 43 -30.74 20.77 5.12
CA THR A 43 -31.81 21.62 4.61
C THR A 43 -31.25 22.72 3.74
N THR A 44 -30.23 23.41 4.23
CA THR A 44 -29.57 24.45 3.44
C THR A 44 -29.02 23.88 2.14
N LEU A 45 -28.31 22.75 2.22
CA LEU A 45 -27.81 22.10 1.01
C LEU A 45 -28.95 21.77 0.04
N ASN A 46 -30.09 21.29 0.57
CA ASN A 46 -31.26 21.08 -0.26
C ASN A 46 -31.66 22.38 -0.95
N MET A 47 -31.83 23.43 -0.15
CA MET A 47 -32.25 24.75 -0.67
C MET A 47 -31.24 25.29 -1.68
N LEU A 48 -29.96 25.05 -1.43
CA LEU A 48 -28.89 25.50 -2.31
C LEU A 48 -28.88 24.69 -3.62
N GLY A 49 -29.06 23.38 -3.50
CA GLY A 49 -29.19 22.54 -4.67
C GLY A 49 -30.35 22.94 -5.57
N GLY A 50 -31.41 23.50 -4.98
CA GLY A 50 -32.53 24.00 -5.76
C GLY A 50 -32.13 25.16 -6.66
N ARG A 51 -31.50 26.15 -6.06
CA ARG A 51 -31.05 27.34 -6.79
C ARG A 51 -30.06 27.00 -7.91
N GLN A 52 -29.27 25.95 -7.72
CA GLN A 52 -28.25 25.60 -8.68
C GLN A 52 -28.85 24.82 -9.81
N VAL A 53 -29.79 23.95 -9.50
CA VAL A 53 -30.61 23.35 -10.53
C VAL A 53 -31.30 24.46 -11.32
N ILE A 54 -31.84 25.46 -10.63
CA ILE A 54 -32.48 26.58 -11.32
C ILE A 54 -31.44 27.27 -12.17
N ALA A 55 -30.26 27.51 -11.60
CA ALA A 55 -29.15 28.07 -12.37
C ALA A 55 -28.95 27.19 -13.61
N ALA A 56 -28.70 25.91 -13.37
CA ALA A 56 -28.41 24.91 -14.40
C ALA A 56 -29.32 25.03 -15.63
N VAL A 57 -30.59 25.31 -15.40
CA VAL A 57 -31.56 25.39 -16.49
C VAL A 57 -31.30 26.58 -17.41
N LYS A 58 -31.16 27.76 -16.81
CA LYS A 58 -30.85 28.98 -17.57
C LYS A 58 -29.59 28.77 -18.38
N TRP A 59 -28.61 28.16 -17.74
CA TRP A 59 -27.38 27.78 -18.38
C TRP A 59 -27.71 26.87 -19.56
N ALA A 60 -28.41 25.78 -19.28
CA ALA A 60 -28.75 24.81 -20.32
C ALA A 60 -29.35 25.52 -21.51
N LYS A 61 -30.35 26.33 -21.25
CA LYS A 61 -31.13 26.98 -22.30
C LYS A 61 -30.30 27.97 -23.13
N ALA A 62 -29.03 28.19 -22.74
CA ALA A 62 -28.08 29.03 -23.48
C ALA A 62 -27.11 28.21 -24.34
N ILE A 63 -26.95 26.94 -24.00
CA ILE A 63 -26.02 26.07 -24.71
C ILE A 63 -26.48 25.89 -26.16
N PRO A 64 -25.64 26.32 -27.14
CA PRO A 64 -26.02 26.23 -28.53
C PRO A 64 -26.34 24.81 -28.91
N GLY A 65 -27.50 24.59 -29.54
CA GLY A 65 -27.99 23.25 -29.83
C GLY A 65 -29.08 22.78 -28.86
N PHE A 66 -28.90 23.07 -27.57
CA PHE A 66 -29.91 22.72 -26.57
C PHE A 66 -31.30 23.31 -26.87
N ARG A 67 -31.35 24.34 -27.71
CA ARG A 67 -32.60 25.00 -28.07
C ARG A 67 -33.36 24.22 -29.14
N ASN A 68 -32.63 23.83 -30.18
CA ASN A 68 -33.21 23.12 -31.31
C ASN A 68 -33.89 21.80 -30.91
N LEU A 69 -33.50 21.23 -29.78
CA LEU A 69 -34.12 19.99 -29.28
C LEU A 69 -35.50 20.25 -28.70
N HIS A 70 -36.26 19.18 -28.62
CA HIS A 70 -37.65 19.23 -28.20
C HIS A 70 -37.71 19.58 -26.72
N LEU A 71 -38.78 20.26 -26.35
CA LEU A 71 -39.00 20.67 -24.97
C LEU A 71 -38.98 19.45 -24.05
N ASP A 72 -39.60 18.35 -24.47
CA ASP A 72 -39.55 17.10 -23.71
C ASP A 72 -38.12 16.58 -23.64
N ASP A 73 -37.37 16.82 -24.72
CA ASP A 73 -35.98 16.41 -24.77
C ASP A 73 -35.14 17.27 -23.85
N GLN A 74 -35.53 18.54 -23.69
CA GLN A 74 -34.82 19.43 -22.78
C GLN A 74 -35.05 19.03 -21.32
N MET A 75 -36.29 18.66 -20.98
CA MET A 75 -36.62 18.31 -19.60
C MET A 75 -35.88 17.05 -19.18
N THR A 76 -35.91 16.05 -20.05
CA THR A 76 -35.34 14.75 -19.76
C THR A 76 -33.85 14.87 -19.39
N LEU A 77 -33.11 15.64 -20.18
CA LEU A 77 -31.68 15.78 -20.00
C LEU A 77 -31.34 16.47 -18.68
N LEU A 78 -32.09 17.49 -18.33
CA LEU A 78 -31.86 18.17 -17.06
C LEU A 78 -32.22 17.25 -15.89
N GLN A 79 -33.36 16.58 -15.96
CA GLN A 79 -33.72 15.57 -14.93
C GLN A 79 -32.77 14.37 -14.88
N TYR A 80 -32.04 14.12 -15.96
CA TYR A 80 -31.06 13.04 -15.98
C TYR A 80 -29.69 13.52 -15.47
N SER A 81 -29.32 14.78 -15.73
CA SER A 81 -27.93 15.22 -15.50
C SER A 81 -27.75 16.10 -14.26
N TRP A 82 -28.84 16.57 -13.68
CA TRP A 82 -28.74 17.58 -12.62
C TRP A 82 -27.72 17.25 -11.54
N MET A 83 -27.70 16.00 -11.08
CA MET A 83 -26.71 15.56 -10.07
C MET A 83 -25.27 15.48 -10.63
N TYR A 84 -25.14 15.23 -11.94
CA TYR A 84 -23.81 15.19 -12.56
C TYR A 84 -23.19 16.59 -12.59
N LEU A 85 -24.01 17.56 -12.96
CA LEU A 85 -23.56 18.93 -13.07
C LEU A 85 -23.09 19.44 -11.71
N MET A 86 -23.79 19.08 -10.63
CA MET A 86 -23.45 19.57 -9.30
C MET A 86 -22.23 18.88 -8.76
N ALA A 87 -22.21 17.57 -8.89
CA ALA A 87 -21.09 16.76 -8.49
C ALA A 87 -19.83 17.31 -9.15
N PHE A 88 -19.85 17.42 -10.48
CA PHE A 88 -18.72 17.97 -11.24
C PHE A 88 -18.35 19.40 -10.81
N ALA A 89 -19.33 20.30 -10.82
CA ALA A 89 -19.07 21.71 -10.50
C ALA A 89 -18.40 21.85 -9.12
N LEU A 90 -19.02 21.23 -8.12
CA LEU A 90 -18.43 21.11 -6.79
C LEU A 90 -16.98 20.65 -6.89
N GLY A 91 -16.75 19.60 -7.67
CA GLY A 91 -15.41 19.07 -7.79
C GLY A 91 -14.45 20.14 -8.26
N TRP A 92 -14.81 20.76 -9.38
CA TRP A 92 -14.00 21.78 -9.99
C TRP A 92 -13.67 22.93 -9.03
N ARG A 93 -14.66 23.34 -8.26
CA ARG A 93 -14.48 24.44 -7.30
C ARG A 93 -13.59 24.01 -6.15
N SER A 94 -13.87 22.85 -5.57
CA SER A 94 -12.98 22.27 -4.58
C SER A 94 -11.55 22.11 -5.12
N TYR A 95 -11.44 21.66 -6.37
CA TYR A 95 -10.14 21.60 -7.09
C TYR A 95 -9.41 22.95 -7.12
N ARG A 96 -10.11 24.00 -7.56
CA ARG A 96 -9.49 25.31 -7.71
C ARG A 96 -9.27 26.03 -6.38
N GLN A 97 -10.32 26.12 -5.56
CA GLN A 97 -10.24 26.85 -4.29
C GLN A 97 -9.30 26.18 -3.28
N SER A 98 -9.35 24.86 -3.19
CA SER A 98 -8.49 24.10 -2.28
C SER A 98 -8.00 22.84 -2.99
N SER A 99 -6.69 22.71 -3.19
CA SER A 99 -6.16 21.72 -4.13
C SER A 99 -6.69 20.30 -3.89
N ALA A 100 -7.93 20.09 -4.31
CA ALA A 100 -8.64 18.80 -4.19
C ALA A 100 -8.79 18.28 -2.76
N ASN A 101 -8.75 19.18 -1.77
CA ASN A 101 -8.65 18.77 -0.35
C ASN A 101 -9.90 19.06 0.50
N LEU A 102 -10.60 20.13 0.17
CA LEU A 102 -11.79 20.55 0.89
C LEU A 102 -13.02 20.43 -0.01
N LEU A 103 -14.20 20.53 0.59
CA LEU A 103 -15.44 20.43 -0.17
C LEU A 103 -16.07 21.81 -0.24
N CYS A 104 -15.78 22.50 -1.34
CA CYS A 104 -16.17 23.88 -1.53
C CYS A 104 -17.53 23.98 -2.23
N PHE A 105 -18.60 23.89 -1.45
CA PHE A 105 -19.96 24.06 -1.96
C PHE A 105 -20.20 25.50 -2.38
N ALA A 106 -19.88 26.43 -1.50
CA ALA A 106 -19.94 27.86 -1.83
C ALA A 106 -18.94 28.61 -0.95
N PRO A 107 -18.64 29.86 -1.31
CA PRO A 107 -17.73 30.63 -0.47
C PRO A 107 -18.14 30.62 1.00
N ASP A 108 -19.44 30.70 1.27
CA ASP A 108 -19.97 30.72 2.64
C ASP A 108 -20.31 29.33 3.19
N LEU A 109 -19.78 28.28 2.58
CA LEU A 109 -20.02 26.92 3.03
C LEU A 109 -18.89 26.01 2.56
N ILE A 110 -17.85 25.92 3.39
CA ILE A 110 -16.69 25.07 3.10
C ILE A 110 -16.70 23.94 4.09
N ILE A 111 -17.04 22.73 3.61
CA ILE A 111 -17.13 21.57 4.49
C ILE A 111 -15.84 20.73 4.46
N ASN A 112 -15.16 20.70 5.60
CA ASN A 112 -14.15 19.68 5.88
C ASN A 112 -14.87 18.35 5.82
N GLU A 113 -14.17 17.23 5.93
CA GLU A 113 -14.84 15.92 5.82
C GLU A 113 -16.10 15.84 6.72
N GLN A 114 -15.90 15.91 8.03
CA GLN A 114 -16.99 15.92 9.02
C GLN A 114 -16.41 15.76 10.43
N GLY A 120 -24.06 10.71 7.88
CA GLY A 120 -23.13 11.82 7.64
C GLY A 120 -23.03 12.08 6.14
N MET A 121 -21.84 11.92 5.57
CA MET A 121 -21.68 11.99 4.11
C MET A 121 -20.43 11.23 3.63
N TYR A 122 -20.09 10.13 4.30
CA TYR A 122 -18.89 9.34 3.96
C TYR A 122 -18.84 9.00 2.47
N ASP A 123 -19.72 8.09 2.03
CA ASP A 123 -19.86 7.74 0.62
C ASP A 123 -19.87 9.01 -0.21
N GLN A 124 -20.60 10.02 0.27
CA GLN A 124 -20.70 11.30 -0.42
C GLN A 124 -19.36 12.02 -0.43
N CYS A 125 -18.84 12.35 0.75
CA CYS A 125 -17.59 13.11 0.87
C CYS A 125 -16.44 12.44 0.13
N LYS A 126 -16.31 11.13 0.29
CA LYS A 126 -15.32 10.36 -0.42
C LYS A 126 -15.49 10.58 -1.92
N HIS A 127 -16.59 10.08 -2.47
CA HIS A 127 -16.88 10.14 -3.92
C HIS A 127 -16.81 11.53 -4.53
N MET A 128 -17.26 12.51 -3.77
CA MET A 128 -17.22 13.89 -4.19
C MET A 128 -15.76 14.37 -4.22
N LEU A 129 -14.99 14.04 -3.19
CA LEU A 129 -13.56 14.39 -3.16
C LEU A 129 -12.72 13.68 -4.23
N TYR A 130 -13.20 12.54 -4.71
CA TYR A 130 -12.50 11.83 -5.76
C TYR A 130 -12.49 12.67 -7.02
N VAL A 131 -13.69 13.02 -7.46
CA VAL A 131 -13.85 13.90 -8.61
C VAL A 131 -12.92 15.10 -8.53
N SER A 132 -12.94 15.77 -7.39
CA SER A 132 -12.18 16.98 -7.22
C SER A 132 -10.68 16.75 -7.40
N SER A 133 -10.18 15.64 -6.88
CA SER A 133 -8.76 15.34 -6.91
C SER A 133 -8.33 14.91 -8.29
N GLU A 134 -9.24 14.25 -9.00
CA GLU A 134 -8.98 13.86 -10.36
C GLU A 134 -8.81 15.07 -11.27
N LEU A 135 -9.62 16.09 -11.03
CA LEU A 135 -9.47 17.36 -11.71
C LEU A 135 -8.15 17.99 -11.30
N HIS A 136 -7.82 17.89 -10.01
CA HIS A 136 -6.56 18.44 -9.51
C HIS A 136 -5.37 17.72 -10.10
N ARG A 137 -5.49 16.40 -10.22
CA ARG A 137 -4.43 15.56 -10.73
C ARG A 137 -4.18 15.86 -12.19
N LEU A 138 -5.23 15.85 -12.99
CA LEU A 138 -5.11 16.17 -14.42
C LEU A 138 -4.83 17.63 -14.69
N GLN A 139 -5.12 18.47 -13.70
CA GLN A 139 -4.85 19.90 -13.79
C GLN A 139 -5.65 20.45 -14.93
N VAL A 140 -6.95 20.20 -14.86
CA VAL A 140 -7.85 20.60 -15.91
C VAL A 140 -7.96 22.11 -15.97
N SER A 141 -7.96 22.64 -17.18
CA SER A 141 -8.11 24.04 -17.42
C SER A 141 -9.59 24.37 -17.39
N TYR A 142 -9.90 25.65 -17.47
CA TYR A 142 -11.25 26.15 -17.42
C TYR A 142 -12.03 25.83 -18.71
N GLU A 143 -11.39 25.97 -19.88
CA GLU A 143 -12.05 25.64 -21.16
C GLU A 143 -12.33 24.14 -21.24
N GLU A 144 -11.30 23.36 -20.94
CA GLU A 144 -11.50 21.94 -20.70
C GLU A 144 -12.74 21.70 -19.80
N TYR A 145 -12.76 22.30 -18.62
CA TYR A 145 -13.84 22.07 -17.67
C TYR A 145 -15.22 22.41 -18.25
N LEU A 146 -15.28 23.50 -19.01
CA LEU A 146 -16.53 23.98 -19.59
C LEU A 146 -17.11 22.99 -20.60
N CYS A 147 -16.28 22.59 -21.56
CA CYS A 147 -16.67 21.56 -22.50
C CYS A 147 -17.10 20.29 -21.75
N MET A 148 -16.26 19.82 -20.84
CA MET A 148 -16.54 18.60 -20.08
C MET A 148 -17.86 18.69 -19.34
N LYS A 149 -18.19 19.87 -18.84
CA LYS A 149 -19.39 20.05 -18.04
C LYS A 149 -20.62 20.03 -18.93
N THR A 150 -20.49 20.58 -20.13
CA THR A 150 -21.58 20.56 -21.08
C THR A 150 -21.85 19.11 -21.49
N LEU A 151 -20.77 18.37 -21.68
CA LEU A 151 -20.90 16.98 -22.06
C LEU A 151 -21.70 16.22 -21.02
N LEU A 152 -21.55 16.58 -19.74
CA LEU A 152 -22.30 15.91 -18.68
C LEU A 152 -23.81 16.15 -18.79
N LEU A 153 -24.19 17.33 -19.26
CA LEU A 153 -25.59 17.63 -19.60
C LEU A 153 -26.17 16.63 -20.60
N LEU A 154 -25.31 16.16 -21.49
CA LEU A 154 -25.69 15.24 -22.55
C LEU A 154 -25.22 13.81 -22.23
N SER A 155 -25.15 13.47 -20.94
CA SER A 155 -24.51 12.22 -20.52
C SER A 155 -25.42 11.00 -20.60
N SER A 156 -26.72 11.21 -20.61
CA SER A 156 -27.67 10.10 -20.56
C SER A 156 -28.93 10.42 -21.37
N VAL A 157 -29.53 9.40 -21.95
CA VAL A 157 -30.72 9.56 -22.77
C VAL A 157 -31.71 8.48 -22.39
N PRO A 158 -32.99 8.67 -22.75
CA PRO A 158 -33.96 7.60 -22.57
C PRO A 158 -33.64 6.46 -23.53
N LYS A 159 -33.91 5.22 -23.11
CA LYS A 159 -33.68 4.06 -23.98
C LYS A 159 -34.61 4.08 -25.18
N ASP A 160 -35.83 4.59 -25.02
CA ASP A 160 -36.73 4.73 -26.15
C ASP A 160 -36.30 5.92 -27.05
N GLY A 161 -35.26 6.62 -26.62
CA GLY A 161 -34.64 7.66 -27.42
C GLY A 161 -35.27 9.03 -27.25
N LEU A 162 -34.50 10.05 -27.58
CA LEU A 162 -34.98 11.42 -27.52
C LEU A 162 -35.78 11.60 -28.78
N LYS A 163 -36.71 12.57 -28.74
CA LYS A 163 -37.48 12.90 -29.93
C LYS A 163 -36.51 13.46 -30.97
N SER A 164 -35.74 14.46 -30.59
CA SER A 164 -34.73 15.04 -31.47
C SER A 164 -33.41 14.31 -31.28
N GLN A 165 -33.47 12.98 -31.39
CA GLN A 165 -32.30 12.16 -31.17
C GLN A 165 -31.24 12.46 -32.21
N GLU A 166 -31.51 12.17 -33.47
CA GLU A 166 -30.54 12.45 -34.53
C GLU A 166 -29.85 13.81 -34.32
N LEU A 167 -30.60 14.82 -33.89
CA LEU A 167 -30.02 16.13 -33.61
C LEU A 167 -29.11 16.10 -32.36
N PHE A 168 -29.63 15.53 -31.29
CA PHE A 168 -28.86 15.36 -30.06
C PHE A 168 -27.45 14.87 -30.34
N ASP A 169 -27.33 13.75 -31.05
CA ASP A 169 -26.01 13.13 -31.24
C ASP A 169 -25.11 13.98 -32.11
N GLU A 170 -25.71 14.77 -32.99
CA GLU A 170 -24.95 15.73 -33.77
C GLU A 170 -24.29 16.75 -32.83
N ILE A 171 -25.07 17.33 -31.93
CA ILE A 171 -24.58 18.39 -31.02
C ILE A 171 -23.56 17.84 -30.02
N ARG A 172 -23.85 16.66 -29.48
CA ARG A 172 -22.95 16.04 -28.51
C ARG A 172 -21.59 15.74 -29.13
N MET A 173 -21.60 15.30 -30.38
CA MET A 173 -20.35 15.00 -31.07
C MET A 173 -19.57 16.29 -31.34
N THR A 174 -20.29 17.38 -31.53
CA THR A 174 -19.68 18.71 -31.70
C THR A 174 -18.95 19.16 -30.43
N TYR A 175 -19.59 18.97 -29.28
CA TYR A 175 -18.99 19.35 -28.00
C TYR A 175 -17.85 18.45 -27.54
N ILE A 176 -17.73 17.26 -28.10
CA ILE A 176 -16.53 16.46 -27.91
C ILE A 176 -15.34 17.12 -28.63
N LYS A 177 -15.54 17.49 -29.90
CA LYS A 177 -14.47 18.13 -30.67
C LYS A 177 -13.95 19.36 -29.94
N GLU A 178 -14.84 20.03 -29.22
CA GLU A 178 -14.53 21.25 -28.49
C GLU A 178 -13.59 20.96 -27.31
N LEU A 179 -13.91 19.92 -26.55
CA LEU A 179 -13.00 19.41 -25.53
C LEU A 179 -11.71 18.96 -26.18
N GLY A 180 -11.79 18.53 -27.43
CA GLY A 180 -10.60 18.28 -28.21
C GLY A 180 -9.79 19.56 -28.40
N LYS A 181 -10.44 20.59 -28.94
CA LYS A 181 -9.77 21.88 -29.18
C LYS A 181 -9.23 22.49 -27.89
N ALA A 182 -9.94 22.34 -26.78
CA ALA A 182 -9.47 22.81 -25.49
C ALA A 182 -8.12 22.19 -25.17
N ILE A 183 -8.00 20.88 -25.38
CA ILE A 183 -6.71 20.21 -25.17
C ILE A 183 -5.65 20.76 -26.12
N VAL A 184 -6.03 21.00 -27.37
CA VAL A 184 -5.11 21.50 -28.40
C VAL A 184 -4.66 22.93 -28.11
N LYS A 185 -5.62 23.78 -27.72
CA LYS A 185 -5.35 25.18 -27.34
C LYS A 185 -4.51 25.26 -26.07
N ARG A 186 -4.50 24.18 -25.29
CA ARG A 186 -3.69 24.09 -24.09
C ARG A 186 -2.23 23.89 -24.46
N GLU A 187 -1.96 23.02 -25.41
CA GLU A 187 -0.58 22.70 -25.76
C GLU A 187 -0.46 22.04 -27.15
N GLY A 188 -0.87 20.78 -27.27
CA GLY A 188 -0.69 20.02 -28.51
C GLY A 188 0.65 19.30 -28.56
N ASN A 189 1.09 18.80 -27.40
CA ASN A 189 2.45 18.26 -27.26
C ASN A 189 2.71 17.15 -28.27
N SER A 190 2.01 16.02 -28.13
CA SER A 190 2.25 14.88 -28.99
C SER A 190 1.09 13.92 -28.90
N SER A 191 1.39 12.63 -28.84
CA SER A 191 0.49 11.63 -28.29
C SER A 191 0.04 12.03 -26.87
N GLN A 192 0.75 13.00 -26.27
CA GLN A 192 0.29 13.68 -25.06
C GLN A 192 -1.19 14.08 -25.16
N ASN A 193 -1.60 14.58 -26.32
CA ASN A 193 -3.00 14.95 -26.55
C ASN A 193 -3.94 13.74 -26.44
N TRP A 194 -3.60 12.70 -27.18
CA TRP A 194 -4.34 11.45 -27.15
C TRP A 194 -4.54 10.98 -25.71
N GLN A 195 -3.44 10.88 -24.97
CA GLN A 195 -3.45 10.39 -23.60
C GLN A 195 -4.35 11.27 -22.73
N ARG A 196 -4.32 12.57 -22.98
CA ARG A 196 -5.14 13.51 -22.23
C ARG A 196 -6.64 13.31 -22.53
N PHE A 197 -6.96 13.12 -23.81
CA PHE A 197 -8.34 12.86 -24.20
C PHE A 197 -8.85 11.61 -23.53
N TYR A 198 -8.01 10.57 -23.55
CA TYR A 198 -8.30 9.31 -22.89
C TYR A 198 -8.66 9.52 -21.42
N GLN A 199 -7.77 10.18 -20.70
CA GLN A 199 -7.93 10.34 -19.24
C GLN A 199 -9.07 11.26 -18.87
N LEU A 200 -9.31 12.28 -19.67
CA LEU A 200 -10.41 13.19 -19.41
C LEU A 200 -11.74 12.47 -19.62
N THR A 201 -11.89 11.77 -20.75
CA THR A 201 -13.16 11.13 -21.05
C THR A 201 -13.42 9.95 -20.13
N LYS A 202 -12.34 9.33 -19.67
CA LYS A 202 -12.44 8.26 -18.67
C LYS A 202 -13.06 8.83 -17.41
N LEU A 203 -12.56 9.99 -16.96
CA LEU A 203 -13.11 10.67 -15.80
C LEU A 203 -14.58 10.94 -15.99
N LEU A 204 -14.97 11.41 -17.16
CA LEU A 204 -16.38 11.64 -17.42
C LEU A 204 -17.17 10.36 -17.19
N ASP A 205 -16.65 9.22 -17.64
CA ASP A 205 -17.33 7.95 -17.44
C ASP A 205 -17.52 7.63 -15.96
N SER A 206 -16.47 7.80 -15.17
CA SER A 206 -16.57 7.54 -13.73
C SER A 206 -17.67 8.35 -13.08
N MET A 207 -17.94 9.53 -13.62
CA MET A 207 -19.08 10.32 -13.17
C MET A 207 -20.37 9.51 -13.05
N HIS A 208 -20.66 8.66 -14.04
CA HIS A 208 -21.86 7.81 -13.98
C HIS A 208 -21.96 7.08 -12.64
N GLU A 209 -20.91 6.35 -12.30
CA GLU A 209 -20.81 5.64 -11.04
C GLU A 209 -20.82 6.53 -9.78
N VAL A 210 -20.27 7.74 -9.86
CA VAL A 210 -20.28 8.65 -8.71
C VAL A 210 -21.67 9.19 -8.43
N VAL A 211 -22.37 9.59 -9.49
CA VAL A 211 -23.68 10.25 -9.34
C VAL A 211 -24.68 9.27 -8.79
N GLU A 212 -24.54 8.01 -9.18
CA GLU A 212 -25.43 6.98 -8.70
C GLU A 212 -25.36 6.91 -7.19
N ASN A 213 -24.15 6.81 -6.65
CA ASN A 213 -23.97 6.77 -5.21
C ASN A 213 -24.49 8.06 -4.54
N LEU A 214 -24.42 9.18 -5.25
CA LEU A 214 -24.99 10.42 -4.73
C LEU A 214 -26.49 10.49 -4.92
N LEU A 215 -27.01 9.93 -6.00
CA LEU A 215 -28.44 10.02 -6.26
C LEU A 215 -29.24 9.20 -5.26
N ASN A 216 -28.70 8.06 -4.86
CA ASN A 216 -29.41 7.21 -3.92
C ASN A 216 -29.51 7.86 -2.56
N TYR A 217 -28.37 8.29 -2.04
CA TYR A 217 -28.34 9.02 -0.77
C TYR A 217 -29.40 10.11 -0.75
N CYS A 218 -29.45 10.86 -1.84
CA CYS A 218 -30.42 11.93 -2.02
C CYS A 218 -31.86 11.43 -1.93
N PHE A 219 -32.14 10.28 -2.56
CA PHE A 219 -33.47 9.67 -2.48
C PHE A 219 -33.71 9.17 -1.08
N GLN A 220 -32.72 8.47 -0.52
CA GLN A 220 -32.83 7.94 0.83
C GLN A 220 -33.15 9.01 1.85
N THR A 221 -32.53 10.17 1.70
CA THR A 221 -32.84 11.31 2.54
C THR A 221 -34.25 11.83 2.22
N PHE A 222 -34.60 11.86 0.95
CA PHE A 222 -35.91 12.38 0.51
C PHE A 222 -37.05 11.47 0.95
N LEU A 223 -36.90 10.17 0.74
CA LEU A 223 -37.92 9.22 1.16
C LEU A 223 -37.86 8.94 2.67
N ASP A 224 -36.74 8.41 3.16
CA ASP A 224 -36.59 8.07 4.59
C ASP A 224 -36.95 9.25 5.49
N LYS A 225 -36.88 10.46 4.95
CA LYS A 225 -37.47 11.62 5.60
C LYS A 225 -39.00 11.48 5.62
N MET A 227 -35.74 12.20 10.32
CA MET A 227 -36.81 12.09 9.34
C MET A 227 -37.09 13.47 8.69
N SER A 228 -37.88 14.32 9.35
CA SER A 228 -38.25 15.64 8.78
C SER A 228 -37.04 16.36 8.19
N ILE A 229 -37.17 16.86 6.96
CA ILE A 229 -36.14 17.69 6.35
C ILE A 229 -36.72 18.56 5.22
N GLU A 230 -36.33 19.83 5.19
CA GLU A 230 -36.91 20.80 4.26
C GLU A 230 -36.26 20.71 2.88
N PHE A 231 -37.11 20.62 1.84
CA PHE A 231 -36.68 20.49 0.43
C PHE A 231 -37.40 21.53 -0.44
N PRO A 232 -36.72 22.09 -1.47
CA PRO A 232 -37.34 23.10 -2.33
C PRO A 232 -38.19 22.49 -3.42
N GLU A 233 -39.03 23.30 -4.07
CA GLU A 233 -39.91 22.77 -5.11
C GLU A 233 -39.08 22.09 -6.19
N MET A 234 -38.19 22.85 -6.83
CA MET A 234 -37.43 22.37 -7.98
C MET A 234 -36.84 20.97 -7.80
N LEU A 235 -36.21 20.71 -6.65
CA LEU A 235 -35.61 19.39 -6.39
C LEU A 235 -36.67 18.32 -6.16
N ALA A 236 -37.65 18.61 -5.31
CA ALA A 236 -38.73 17.68 -5.01
C ALA A 236 -39.31 17.09 -6.29
N GLU A 237 -39.74 17.96 -7.20
CA GLU A 237 -40.29 17.51 -8.48
C GLU A 237 -39.31 16.60 -9.17
N ILE A 238 -38.16 17.15 -9.51
CA ILE A 238 -37.15 16.42 -10.25
C ILE A 238 -36.88 15.06 -9.59
N ILE A 239 -36.73 15.07 -8.27
CA ILE A 239 -36.55 13.82 -7.51
C ILE A 239 -37.75 12.87 -7.69
N THR A 240 -38.94 13.30 -7.28
CA THR A 240 -40.15 12.48 -7.38
C THR A 240 -40.35 11.97 -8.82
N ASN A 241 -39.98 12.80 -9.79
CA ASN A 241 -40.16 12.48 -11.21
C ASN A 241 -39.14 11.50 -11.74
N GLN A 242 -37.94 11.48 -11.16
CA GLN A 242 -36.88 10.59 -11.66
C GLN A 242 -36.86 9.21 -11.01
N ILE A 243 -37.30 9.13 -9.74
CA ILE A 243 -37.25 7.84 -9.01
C ILE A 243 -37.84 6.66 -9.80
N PRO A 244 -39.02 6.85 -10.43
CA PRO A 244 -39.57 5.79 -11.28
C PRO A 244 -38.79 5.57 -12.58
N LYS A 245 -38.09 6.60 -13.05
CA LYS A 245 -37.29 6.53 -14.28
C LYS A 245 -36.03 5.74 -13.99
N TYR A 246 -35.35 6.14 -12.92
CA TYR A 246 -34.21 5.37 -12.44
C TYR A 246 -34.65 3.95 -12.07
N SER A 247 -35.76 3.82 -11.34
CA SER A 247 -36.19 2.50 -10.85
C SER A 247 -36.55 1.49 -11.93
N ASN A 248 -37.01 1.97 -13.09
CA ASN A 248 -37.48 1.08 -14.15
C ASN A 248 -36.40 0.78 -15.19
N GLY A 249 -35.29 1.49 -15.12
CA GLY A 249 -34.19 1.29 -16.07
C GLY A 249 -34.39 2.00 -17.40
N ASN A 250 -35.35 2.92 -17.46
CA ASN A 250 -35.57 3.70 -18.68
C ASN A 250 -34.37 4.59 -19.08
N ILE A 251 -33.33 4.65 -18.23
CA ILE A 251 -32.10 5.42 -18.52
C ILE A 251 -31.00 4.61 -19.19
N LYS A 252 -30.34 5.25 -20.16
CA LYS A 252 -29.19 4.68 -20.89
C LYS A 252 -28.01 5.63 -20.72
N LYS A 253 -27.00 5.18 -19.97
CA LYS A 253 -25.85 6.01 -19.70
C LYS A 253 -24.91 5.93 -20.89
N LEU A 254 -24.72 7.03 -21.60
CA LEU A 254 -23.72 7.09 -22.67
C LEU A 254 -22.35 7.16 -22.03
N LEU A 255 -21.43 6.32 -22.52
CA LEU A 255 -20.04 6.33 -22.03
C LEU A 255 -19.06 6.47 -23.19
N PHE A 256 -17.88 6.97 -22.88
CA PHE A 256 -16.84 7.15 -23.88
C PHE A 256 -16.07 5.86 -24.16
N HIS A 257 -16.06 4.91 -23.20
CA HIS A 257 -15.25 3.72 -23.33
C HIS A 257 -16.10 2.47 -23.11
N GLN A 258 -16.94 2.16 -24.09
CA GLN A 258 -17.99 1.15 -23.94
C GLN A 258 -17.46 -0.24 -24.17
N ALA B 4 -43.73 20.48 -14.41
CA ALA B 4 -44.48 21.78 -14.57
C ALA B 4 -43.61 22.95 -14.13
N LEU B 5 -43.00 22.80 -12.96
CA LEU B 5 -42.09 23.81 -12.40
C LEU B 5 -40.89 23.98 -13.31
N LEU B 6 -40.23 22.86 -13.61
CA LEU B 6 -39.19 22.83 -14.63
C LEU B 6 -39.73 23.28 -16.00
N ARG B 7 -40.94 22.82 -16.34
CA ARG B 7 -41.54 23.13 -17.64
C ARG B 7 -41.66 24.63 -17.87
N TYR B 8 -42.21 25.33 -16.89
CA TYR B 8 -42.37 26.78 -16.99
C TYR B 8 -41.03 27.47 -17.18
N LEU B 9 -40.04 27.02 -16.43
CA LEU B 9 -38.70 27.60 -16.48
C LEU B 9 -38.02 27.45 -17.82
N LEU B 10 -38.29 26.35 -18.51
CA LEU B 10 -37.74 26.11 -19.84
C LEU B 10 -38.49 26.92 -20.90
N ASP B 11 -39.75 27.24 -20.61
CA ASP B 11 -40.61 27.94 -21.57
C ASP B 11 -40.59 29.47 -21.41
N LYS B 12 -39.73 29.99 -20.53
CA LYS B 12 -39.62 31.44 -20.30
C LYS B 12 -38.97 32.15 -21.49
N GLN C 9 -18.49 -25.53 -18.85
CA GLN C 9 -19.48 -25.97 -19.88
C GLN C 9 -20.71 -26.59 -19.22
N LEU C 10 -20.46 -27.63 -18.43
CA LEU C 10 -21.52 -28.40 -17.76
C LEU C 10 -22.38 -27.51 -16.85
N THR C 11 -21.74 -26.94 -15.83
CA THR C 11 -22.28 -25.82 -15.08
C THR C 11 -21.05 -25.04 -14.58
N PRO C 12 -21.02 -23.72 -14.82
CA PRO C 12 -19.82 -22.99 -14.42
C PRO C 12 -19.70 -22.98 -12.90
N THR C 13 -18.53 -23.39 -12.41
CA THR C 13 -18.27 -23.44 -10.99
C THR C 13 -17.45 -22.23 -10.57
N LEU C 14 -17.53 -21.87 -9.30
CA LEU C 14 -16.77 -20.74 -8.75
C LEU C 14 -15.37 -20.71 -9.35
N VAL C 15 -14.71 -21.86 -9.29
CA VAL C 15 -13.33 -22.00 -9.73
C VAL C 15 -13.17 -21.88 -11.23
N SER C 16 -14.19 -22.26 -11.98
CA SER C 16 -14.12 -22.17 -13.45
C SER C 16 -14.23 -20.73 -13.89
N LEU C 17 -14.98 -19.92 -13.15
CA LEU C 17 -14.97 -18.48 -13.35
C LEU C 17 -13.56 -17.96 -13.11
N LEU C 18 -13.04 -18.25 -11.93
CA LEU C 18 -11.67 -17.87 -11.59
C LEU C 18 -10.70 -18.19 -12.75
N GLU C 19 -10.75 -19.41 -13.26
CA GLU C 19 -9.83 -19.82 -14.32
C GLU C 19 -9.85 -18.84 -15.49
N VAL C 20 -11.02 -18.30 -15.79
CA VAL C 20 -11.18 -17.42 -16.96
C VAL C 20 -10.79 -15.98 -16.64
N ILE C 21 -10.94 -15.55 -15.38
CA ILE C 21 -10.65 -14.15 -15.01
C ILE C 21 -9.18 -13.92 -14.62
N GLU C 22 -8.36 -14.95 -14.73
CA GLU C 22 -6.96 -14.81 -14.37
C GLU C 22 -6.28 -13.83 -15.32
N PRO C 23 -5.63 -12.79 -14.76
CA PRO C 23 -4.91 -11.84 -15.61
C PRO C 23 -3.97 -12.48 -16.62
N GLU C 24 -3.79 -11.78 -17.73
CA GLU C 24 -2.94 -12.19 -18.83
C GLU C 24 -1.53 -11.99 -18.36
N VAL C 25 -0.54 -12.51 -19.08
CA VAL C 25 0.86 -12.35 -18.67
C VAL C 25 1.38 -11.06 -19.29
N LEU C 26 1.97 -10.21 -18.43
CA LEU C 26 2.50 -8.91 -18.84
C LEU C 26 3.99 -8.99 -19.21
N TYR C 27 4.43 -8.08 -20.09
CA TYR C 27 5.83 -7.96 -20.53
C TYR C 27 6.49 -6.68 -19.96
N ALA C 28 7.49 -6.84 -19.12
CA ALA C 28 8.18 -5.69 -18.49
C ALA C 28 8.90 -4.77 -19.50
N GLY C 29 9.08 -5.25 -20.72
CA GLY C 29 9.75 -4.48 -21.76
C GLY C 29 11.23 -4.22 -21.50
N TYR C 30 11.82 -5.01 -20.61
CA TYR C 30 13.22 -4.86 -20.25
C TYR C 30 14.06 -5.42 -21.37
N ASP C 31 14.93 -4.60 -21.93
CA ASP C 31 15.88 -5.04 -22.96
C ASP C 31 17.04 -5.71 -22.24
N SER C 32 17.43 -6.90 -22.67
CA SER C 32 18.54 -7.63 -22.01
C SER C 32 19.84 -7.65 -22.83
N SER C 33 19.93 -6.80 -23.86
CA SER C 33 21.08 -6.77 -24.77
C SER C 33 22.28 -5.99 -24.23
N VAL C 34 21.99 -4.97 -23.42
CA VAL C 34 23.03 -4.20 -22.70
C VAL C 34 23.33 -4.84 -21.32
N PRO C 35 24.36 -4.37 -20.61
CA PRO C 35 24.65 -5.00 -19.33
C PRO C 35 23.55 -4.71 -18.33
N ASP C 36 23.20 -5.68 -17.49
CA ASP C 36 22.14 -5.48 -16.47
C ASP C 36 22.58 -4.44 -15.44
N SER C 37 21.68 -4.12 -14.50
CA SER C 37 21.92 -3.07 -13.49
C SER C 37 20.82 -3.12 -12.41
N THR C 38 21.20 -2.90 -11.15
CA THR C 38 20.18 -2.88 -10.08
C THR C 38 19.14 -1.80 -10.35
N TRP C 39 19.59 -0.65 -10.86
CA TRP C 39 18.68 0.46 -11.14
C TRP C 39 17.67 0.07 -12.20
N ARG C 40 18.16 -0.34 -13.36
CA ARG C 40 17.31 -0.66 -14.47
C ARG C 40 16.31 -1.77 -14.13
N ILE C 41 16.76 -2.75 -13.34
CA ILE C 41 15.93 -3.91 -13.02
C ILE C 41 14.82 -3.59 -12.03
N MET C 42 15.13 -2.82 -10.98
CA MET C 42 14.12 -2.47 -9.98
C MET C 42 13.10 -1.51 -10.57
N THR C 43 13.59 -0.49 -11.26
CA THR C 43 12.74 0.45 -12.02
C THR C 43 11.78 -0.25 -12.99
N THR C 44 12.27 -1.23 -13.74
CA THR C 44 11.41 -2.03 -14.58
C THR C 44 10.40 -2.78 -13.72
N LEU C 45 10.87 -3.39 -12.63
CA LEU C 45 10.00 -4.20 -11.79
C LEU C 45 8.90 -3.31 -11.22
N ASN C 46 9.21 -2.05 -10.92
CA ASN C 46 8.22 -1.10 -10.43
C ASN C 46 7.19 -0.73 -11.51
N MET C 47 7.67 -0.39 -12.69
CA MET C 47 6.79 -0.15 -13.82
C MET C 47 5.92 -1.37 -14.11
N LEU C 48 6.54 -2.56 -14.07
CA LEU C 48 5.82 -3.83 -14.26
C LEU C 48 4.77 -4.06 -13.18
N GLY C 49 5.22 -3.96 -11.93
CA GLY C 49 4.38 -4.20 -10.75
C GLY C 49 3.17 -3.28 -10.69
N GLY C 50 3.35 -2.06 -11.18
CA GLY C 50 2.25 -1.12 -11.31
C GLY C 50 1.17 -1.73 -12.19
N ARG C 51 1.59 -2.18 -13.37
CA ARG C 51 0.62 -2.71 -14.34
C ARG C 51 0.05 -4.00 -13.75
N GLN C 52 0.92 -4.75 -13.09
CA GLN C 52 0.54 -5.94 -12.37
C GLN C 52 -0.46 -5.64 -11.22
N VAL C 53 -0.34 -4.51 -10.52
CA VAL C 53 -1.35 -4.18 -9.51
C VAL C 53 -2.63 -3.63 -10.11
N ILE C 54 -2.54 -2.90 -11.23
CA ILE C 54 -3.74 -2.47 -11.94
C ILE C 54 -4.54 -3.71 -12.40
N ALA C 55 -3.82 -4.72 -12.86
CA ALA C 55 -4.44 -5.97 -13.27
C ALA C 55 -5.07 -6.70 -12.08
N ALA C 56 -4.39 -6.67 -10.93
CA ALA C 56 -4.92 -7.26 -9.71
C ALA C 56 -6.32 -6.74 -9.37
N VAL C 57 -6.51 -5.43 -9.45
CA VAL C 57 -7.79 -4.83 -9.10
C VAL C 57 -8.92 -5.24 -10.06
N LYS C 58 -8.65 -5.34 -11.36
CA LYS C 58 -9.69 -5.78 -12.30
C LYS C 58 -10.18 -7.15 -11.92
N TRP C 59 -9.22 -8.04 -11.73
CA TRP C 59 -9.44 -9.39 -11.25
C TRP C 59 -10.31 -9.38 -10.01
N ALA C 60 -9.87 -8.68 -8.97
CA ALA C 60 -10.59 -8.64 -7.70
C ALA C 60 -12.01 -8.22 -7.93
N LYS C 61 -12.16 -7.05 -8.54
CA LYS C 61 -13.46 -6.47 -8.85
C LYS C 61 -14.39 -7.46 -9.55
N ALA C 62 -13.81 -8.38 -10.32
CA ALA C 62 -14.57 -9.40 -11.07
C ALA C 62 -14.74 -10.74 -10.35
N ILE C 63 -14.60 -10.74 -9.02
CA ILE C 63 -14.76 -11.94 -8.21
C ILE C 63 -16.11 -11.91 -7.52
N PRO C 64 -16.87 -13.01 -7.62
CA PRO C 64 -18.17 -13.07 -6.95
C PRO C 64 -18.03 -12.82 -5.46
N GLY C 65 -18.95 -12.06 -4.89
CA GLY C 65 -18.91 -11.73 -3.47
C GLY C 65 -18.07 -10.50 -3.17
N PHE C 66 -16.97 -10.33 -3.88
CA PHE C 66 -16.09 -9.17 -3.66
C PHE C 66 -16.82 -7.91 -4.05
N ARG C 67 -17.25 -7.87 -5.31
CA ARG C 67 -17.86 -6.66 -5.86
C ARG C 67 -18.93 -6.10 -4.92
N ASN C 68 -19.64 -6.99 -4.22
CA ASN C 68 -20.73 -6.61 -3.30
C ASN C 68 -20.29 -6.15 -1.91
N LEU C 69 -19.00 -6.22 -1.62
CA LEU C 69 -18.49 -5.64 -0.39
C LEU C 69 -18.52 -4.11 -0.50
N HIS C 70 -18.38 -3.45 0.64
CA HIS C 70 -18.31 -2.01 0.69
C HIS C 70 -17.02 -1.53 0.02
N LEU C 71 -17.11 -0.45 -0.75
CA LEU C 71 -15.95 0.14 -1.47
C LEU C 71 -14.80 0.59 -0.54
N ASP C 72 -15.06 0.71 0.76
CA ASP C 72 -13.99 0.95 1.71
C ASP C 72 -13.22 -0.33 2.00
N ASP C 73 -13.92 -1.46 2.05
CA ASP C 73 -13.28 -2.75 2.30
C ASP C 73 -12.46 -3.21 1.12
N GLN C 74 -13.01 -3.04 -0.08
CA GLN C 74 -12.31 -3.39 -1.32
C GLN C 74 -10.95 -2.75 -1.35
N MET C 75 -10.92 -1.45 -1.08
CA MET C 75 -9.67 -0.71 -1.06
C MET C 75 -8.73 -1.27 -0.01
N THR C 76 -9.21 -1.37 1.23
CA THR C 76 -8.41 -1.98 2.31
C THR C 76 -7.81 -3.33 1.91
N LEU C 77 -8.66 -4.23 1.44
CA LEU C 77 -8.25 -5.59 1.12
C LEU C 77 -7.23 -5.65 -0.03
N LEU C 78 -7.36 -4.75 -1.00
CA LEU C 78 -6.37 -4.65 -2.06
C LEU C 78 -5.04 -4.08 -1.53
N GLN C 79 -5.10 -3.05 -0.70
CA GLN C 79 -3.90 -2.42 -0.15
C GLN C 79 -3.08 -3.36 0.76
N TYR C 80 -3.78 -4.15 1.56
CA TYR C 80 -3.14 -5.15 2.40
C TYR C 80 -2.57 -6.29 1.57
N SER C 81 -3.32 -6.77 0.59
CA SER C 81 -2.96 -8.03 -0.07
C SER C 81 -2.15 -7.93 -1.38
N TRP C 82 -1.89 -6.72 -1.87
CA TRP C 82 -1.30 -6.59 -3.21
C TRP C 82 0.04 -7.32 -3.34
N MET C 83 0.91 -7.18 -2.34
CA MET C 83 2.20 -7.91 -2.36
C MET C 83 2.00 -9.43 -2.23
N TYR C 84 0.99 -9.85 -1.49
CA TYR C 84 0.69 -11.27 -1.37
C TYR C 84 0.38 -11.80 -2.77
N LEU C 85 -0.54 -11.14 -3.47
CA LEU C 85 -0.93 -11.57 -4.82
C LEU C 85 0.30 -11.67 -5.73
N MET C 86 1.23 -10.72 -5.58
CA MET C 86 2.40 -10.67 -6.43
C MET C 86 3.30 -11.86 -6.13
N ALA C 87 3.69 -12.00 -4.86
CA ALA C 87 4.58 -13.08 -4.43
C ALA C 87 4.07 -14.43 -4.89
N PHE C 88 2.80 -14.70 -4.62
CA PHE C 88 2.20 -15.97 -5.00
C PHE C 88 2.07 -16.13 -6.51
N ALA C 89 1.71 -15.06 -7.22
CA ALA C 89 1.60 -15.20 -8.65
C ALA C 89 3.00 -15.43 -9.18
N LEU C 90 3.94 -14.58 -8.82
CA LEU C 90 5.32 -14.80 -9.22
C LEU C 90 5.80 -16.21 -8.86
N GLY C 91 5.33 -16.73 -7.73
CA GLY C 91 5.68 -18.07 -7.26
C GLY C 91 5.27 -19.18 -8.22
N TRP C 92 3.99 -19.18 -8.57
CA TRP C 92 3.44 -20.10 -9.55
C TRP C 92 4.09 -19.99 -10.91
N ARG C 93 4.38 -18.77 -11.36
CA ARG C 93 4.94 -18.58 -12.69
C ARG C 93 6.31 -19.21 -12.79
N SER C 94 7.15 -18.98 -11.80
CA SER C 94 8.50 -19.53 -11.77
C SER C 94 8.47 -21.06 -11.62
N TYR C 95 7.46 -21.55 -10.91
CA TYR C 95 7.23 -22.98 -10.74
C TYR C 95 6.91 -23.59 -12.10
N ARG C 96 5.85 -23.11 -12.72
CA ARG C 96 5.36 -23.71 -13.96
C ARG C 96 6.26 -23.58 -15.21
N GLN C 97 7.30 -22.73 -15.18
CA GLN C 97 8.11 -22.52 -16.39
C GLN C 97 9.57 -22.90 -16.23
N SER C 98 10.25 -22.30 -15.26
CA SER C 98 11.63 -22.67 -14.96
C SER C 98 11.72 -23.79 -13.91
N SER C 99 10.57 -24.23 -13.40
CA SER C 99 10.53 -25.26 -12.34
C SER C 99 11.20 -24.79 -11.05
N ALA C 100 10.78 -23.62 -10.57
CA ALA C 100 11.24 -23.04 -9.31
C ALA C 100 12.77 -22.96 -9.21
N ASN C 101 13.42 -22.63 -10.33
CA ASN C 101 14.87 -22.44 -10.37
C ASN C 101 15.28 -21.02 -10.79
N LEU C 102 14.47 -20.41 -11.67
CA LEU C 102 14.62 -18.99 -12.02
C LEU C 102 13.43 -18.23 -11.40
N LEU C 103 13.42 -16.91 -11.51
CA LEU C 103 12.22 -16.10 -11.14
C LEU C 103 11.67 -15.41 -12.36
N CYS C 104 10.66 -16.02 -12.97
CA CYS C 104 10.16 -15.56 -14.24
C CYS C 104 9.09 -14.50 -14.00
N PHE C 105 9.54 -13.28 -13.76
CA PHE C 105 8.65 -12.14 -13.55
C PHE C 105 7.79 -11.89 -14.78
N ALA C 106 8.45 -11.80 -15.93
CA ALA C 106 7.81 -11.73 -17.24
C ALA C 106 8.59 -12.63 -18.21
N PRO C 107 8.03 -12.91 -19.39
CA PRO C 107 8.79 -13.58 -20.44
C PRO C 107 10.09 -12.86 -20.79
N ASP C 108 10.05 -11.54 -20.80
CA ASP C 108 11.20 -10.72 -21.18
C ASP C 108 12.06 -10.28 -19.98
N LEU C 109 11.79 -10.85 -18.81
CA LEU C 109 12.49 -10.50 -17.57
C LEU C 109 12.49 -11.67 -16.60
N ILE C 110 13.45 -12.58 -16.81
CA ILE C 110 13.68 -13.72 -15.93
C ILE C 110 14.92 -13.45 -15.10
N ILE C 111 14.89 -13.74 -13.80
CA ILE C 111 16.07 -13.54 -12.95
C ILE C 111 16.88 -14.84 -12.74
N ASN C 112 17.96 -15.00 -13.50
CA ASN C 112 18.88 -16.13 -13.35
C ASN C 112 19.78 -15.95 -12.13
N GLU C 113 20.41 -17.05 -11.67
CA GLU C 113 21.37 -16.99 -10.53
C GLU C 113 22.38 -15.85 -10.73
N GLN C 114 22.72 -15.57 -11.99
CA GLN C 114 23.59 -14.45 -12.29
C GLN C 114 22.97 -13.15 -11.79
N ARG C 115 21.68 -12.94 -12.06
CA ARG C 115 20.98 -11.71 -11.68
C ARG C 115 20.78 -11.60 -10.17
N MET C 116 20.52 -12.73 -9.52
CA MET C 116 20.41 -12.81 -8.06
C MET C 116 21.61 -12.18 -7.33
N THR C 117 22.80 -12.28 -7.92
CA THR C 117 24.01 -11.73 -7.33
C THR C 117 24.18 -10.20 -7.54
N LEU C 118 23.39 -9.57 -8.38
CA LEU C 118 23.47 -8.11 -8.51
C LEU C 118 23.23 -7.45 -7.14
N PRO C 119 23.67 -6.19 -6.94
CA PRO C 119 23.51 -5.50 -5.66
C PRO C 119 22.08 -5.45 -5.08
N GLY C 120 21.96 -5.93 -3.84
CA GLY C 120 20.73 -5.82 -3.07
C GLY C 120 19.67 -6.77 -3.55
N MET C 121 20.09 -7.75 -4.33
CA MET C 121 19.16 -8.57 -5.11
C MET C 121 19.03 -10.01 -4.59
N TYR C 122 20.02 -10.49 -3.83
CA TYR C 122 20.08 -11.88 -3.43
C TYR C 122 18.92 -12.35 -2.55
N ASP C 123 18.81 -11.77 -1.36
CA ASP C 123 17.95 -12.31 -0.31
C ASP C 123 16.47 -12.21 -0.64
N GLN C 124 16.05 -11.02 -1.08
CA GLN C 124 14.68 -10.80 -1.55
C GLN C 124 14.28 -11.84 -2.55
N CYS C 125 15.19 -12.13 -3.48
CA CYS C 125 14.98 -13.22 -4.44
C CYS C 125 14.95 -14.58 -3.78
N LYS C 126 15.84 -14.83 -2.84
CA LYS C 126 15.78 -16.06 -2.06
C LYS C 126 14.43 -16.23 -1.32
N HIS C 127 13.80 -15.14 -0.92
CA HIS C 127 12.45 -15.20 -0.34
C HIS C 127 11.41 -15.47 -1.40
N MET C 128 11.49 -14.76 -2.50
CA MET C 128 10.53 -14.98 -3.56
C MET C 128 10.62 -16.42 -4.04
N LEU C 129 11.84 -16.92 -4.28
CA LEU C 129 12.07 -18.34 -4.64
C LEU C 129 11.43 -19.33 -3.68
N TYR C 130 11.35 -18.99 -2.40
CA TYR C 130 10.85 -19.92 -1.39
C TYR C 130 9.42 -20.32 -1.66
N VAL C 131 8.60 -19.35 -2.06
CA VAL C 131 7.19 -19.60 -2.43
C VAL C 131 7.07 -20.59 -3.59
N SER C 132 8.01 -20.51 -4.54
CA SER C 132 7.92 -21.34 -5.73
C SER C 132 8.28 -22.78 -5.38
N SER C 133 9.32 -22.96 -4.59
CA SER C 133 9.73 -24.29 -4.18
C SER C 133 8.63 -24.96 -3.39
N GLU C 134 7.85 -24.18 -2.63
CA GLU C 134 6.75 -24.76 -1.85
C GLU C 134 5.60 -25.18 -2.75
N LEU C 135 5.28 -24.37 -3.74
CA LEU C 135 4.26 -24.73 -4.73
C LEU C 135 4.71 -25.95 -5.52
N HIS C 136 6.03 -26.02 -5.75
CA HIS C 136 6.67 -27.12 -6.48
C HIS C 136 6.68 -28.42 -5.66
N ARG C 137 7.17 -28.31 -4.41
CA ARG C 137 7.25 -29.45 -3.49
C ARG C 137 5.89 -30.08 -3.26
N LEU C 138 4.90 -29.24 -3.00
CA LEU C 138 3.53 -29.68 -2.77
C LEU C 138 2.78 -30.03 -4.06
N GLN C 139 3.48 -30.00 -5.20
CA GLN C 139 2.87 -30.30 -6.50
C GLN C 139 1.45 -29.73 -6.59
N VAL C 140 1.35 -28.43 -6.35
CA VAL C 140 0.09 -27.71 -6.36
C VAL C 140 -0.41 -27.57 -7.78
N SER C 141 -1.72 -27.73 -7.96
CA SER C 141 -2.34 -27.70 -9.26
C SER C 141 -2.92 -26.32 -9.54
N TYR C 142 -3.21 -26.06 -10.81
CA TYR C 142 -3.71 -24.77 -11.22
C TYR C 142 -4.97 -24.40 -10.41
N GLU C 143 -5.95 -25.30 -10.36
CA GLU C 143 -7.21 -25.04 -9.63
C GLU C 143 -6.99 -24.73 -8.16
N GLU C 144 -6.07 -25.46 -7.54
CA GLU C 144 -5.71 -25.16 -6.15
C GLU C 144 -5.00 -23.81 -6.06
N TYR C 145 -4.06 -23.57 -6.97
CA TYR C 145 -3.38 -22.29 -7.03
C TYR C 145 -4.37 -21.12 -7.08
N LEU C 146 -5.34 -21.19 -7.98
CA LEU C 146 -6.30 -20.10 -8.19
C LEU C 146 -7.15 -19.82 -6.95
N CYS C 147 -7.59 -20.89 -6.29
CA CYS C 147 -8.41 -20.76 -5.07
C CYS C 147 -7.58 -20.16 -3.94
N MET C 148 -6.31 -20.55 -3.87
CA MET C 148 -5.40 -20.03 -2.84
C MET C 148 -5.19 -18.54 -3.06
N LYS C 149 -4.94 -18.15 -4.31
CA LYS C 149 -4.73 -16.74 -4.61
C LYS C 149 -5.93 -15.91 -4.16
N THR C 150 -7.12 -16.44 -4.38
CA THR C 150 -8.34 -15.75 -3.98
C THR C 150 -8.40 -15.60 -2.47
N LEU C 151 -7.84 -16.56 -1.76
CA LEU C 151 -7.80 -16.45 -0.31
C LEU C 151 -6.74 -15.45 0.18
N LEU C 152 -5.59 -15.37 -0.49
CA LEU C 152 -4.58 -14.39 -0.13
C LEU C 152 -5.12 -12.97 -0.21
N LEU C 153 -6.03 -12.73 -1.17
CA LEU C 153 -6.78 -11.48 -1.23
C LEU C 153 -7.71 -11.27 0.00
N LEU C 154 -8.18 -12.37 0.59
CA LEU C 154 -9.03 -12.30 1.78
C LEU C 154 -8.30 -12.78 3.04
N SER C 155 -7.01 -12.43 3.19
CA SER C 155 -6.17 -12.94 4.28
C SER C 155 -5.79 -11.92 5.35
N SER C 156 -6.29 -10.69 5.26
CA SER C 156 -5.88 -9.65 6.20
C SER C 156 -6.92 -8.54 6.25
N VAL C 157 -7.30 -8.17 7.47
CA VAL C 157 -8.31 -7.14 7.69
C VAL C 157 -7.88 -6.29 8.87
N PRO C 158 -8.50 -5.10 9.06
CA PRO C 158 -8.16 -4.29 10.24
C PRO C 158 -8.69 -4.91 11.54
N LYS C 159 -7.90 -4.80 12.63
CA LYS C 159 -8.21 -5.44 13.94
C LYS C 159 -9.64 -5.16 14.36
N ASP C 160 -9.93 -3.87 14.47
CA ASP C 160 -11.31 -3.38 14.58
C ASP C 160 -12.29 -4.27 13.77
N GLY C 161 -12.07 -4.34 12.45
CA GLY C 161 -12.88 -5.18 11.57
C GLY C 161 -13.12 -4.60 10.18
N LEU C 162 -14.05 -5.20 9.44
CA LEU C 162 -14.45 -4.74 8.12
C LEU C 162 -15.81 -4.07 8.18
N LYS C 163 -15.97 -2.98 7.45
CA LYS C 163 -17.27 -2.29 7.35
C LYS C 163 -18.37 -3.16 6.72
N SER C 164 -18.08 -4.46 6.52
CA SER C 164 -19.10 -5.46 6.19
C SER C 164 -18.58 -6.87 6.50
N GLN C 165 -18.15 -7.07 7.75
CA GLN C 165 -17.52 -8.32 8.17
C GLN C 165 -18.46 -9.51 8.01
N GLU C 166 -19.75 -9.29 8.30
CA GLU C 166 -20.77 -10.30 8.11
C GLU C 166 -20.66 -10.93 6.71
N LEU C 167 -20.60 -10.10 5.68
CA LEU C 167 -20.47 -10.60 4.30
C LEU C 167 -19.07 -11.17 4.04
N PHE C 168 -18.03 -10.48 4.50
CA PHE C 168 -16.63 -10.88 4.25
C PHE C 168 -16.35 -12.34 4.63
N ASP C 169 -16.64 -12.72 5.87
CA ASP C 169 -16.26 -14.04 6.41
C ASP C 169 -16.98 -15.21 5.75
N GLU C 170 -18.16 -14.94 5.24
CA GLU C 170 -18.94 -15.94 4.52
C GLU C 170 -18.43 -16.07 3.09
N ILE C 171 -17.85 -14.99 2.55
CA ILE C 171 -17.19 -15.03 1.25
C ILE C 171 -15.92 -15.85 1.38
N ARG C 172 -15.09 -15.50 2.35
CA ARG C 172 -13.87 -16.22 2.63
C ARG C 172 -14.13 -17.70 2.88
N MET C 173 -15.32 -18.03 3.37
CA MET C 173 -15.68 -19.41 3.66
C MET C 173 -15.83 -20.23 2.39
N THR C 174 -16.58 -19.70 1.43
CA THR C 174 -16.89 -20.46 0.22
C THR C 174 -15.63 -20.75 -0.61
N TYR C 175 -14.62 -19.89 -0.50
CA TYR C 175 -13.32 -20.17 -1.12
C TYR C 175 -12.42 -21.06 -0.27
N ILE C 176 -12.75 -21.21 1.02
CA ILE C 176 -12.11 -22.22 1.85
C ILE C 176 -12.54 -23.59 1.37
N LYS C 177 -13.84 -23.77 1.16
CA LYS C 177 -14.34 -25.06 0.68
C LYS C 177 -14.07 -25.26 -0.82
N GLU C 178 -14.04 -24.17 -1.58
CA GLU C 178 -13.75 -24.24 -3.02
C GLU C 178 -12.36 -24.80 -3.28
N LEU C 179 -11.41 -24.46 -2.42
CA LEU C 179 -10.13 -25.12 -2.40
C LEU C 179 -10.32 -26.59 -2.07
N GLY C 180 -11.14 -26.88 -1.07
CA GLY C 180 -11.49 -28.25 -0.68
C GLY C 180 -12.07 -29.07 -1.81
N LYS C 181 -12.96 -28.47 -2.58
CA LYS C 181 -13.47 -29.11 -3.77
C LYS C 181 -12.37 -29.26 -4.82
N ALA C 182 -11.45 -28.30 -4.86
CA ALA C 182 -10.26 -28.38 -5.73
C ALA C 182 -9.30 -29.49 -5.28
N ILE C 183 -9.30 -29.80 -3.99
CA ILE C 183 -8.51 -30.91 -3.44
C ILE C 183 -9.23 -32.26 -3.60
N VAL C 184 -10.50 -32.28 -3.18
CA VAL C 184 -11.36 -33.47 -3.30
C VAL C 184 -11.53 -33.89 -4.77
N LYS C 185 -11.38 -32.94 -5.69
CA LYS C 185 -11.33 -33.23 -7.12
C LYS C 185 -9.90 -33.43 -7.63
N ARG C 186 -9.01 -33.96 -6.78
CA ARG C 186 -7.66 -34.37 -7.23
C ARG C 186 -7.49 -35.88 -7.05
N GLU C 187 -7.64 -36.36 -5.81
CA GLU C 187 -7.59 -37.81 -5.52
C GLU C 187 -8.89 -38.49 -5.93
N SER C 191 -10.97 -37.29 3.81
CA SER C 191 -10.04 -38.01 4.68
C SER C 191 -8.64 -37.41 4.55
N GLN C 192 -7.62 -38.18 4.16
CA GLN C 192 -6.24 -37.66 4.14
C GLN C 192 -5.98 -36.54 3.13
N ASN C 193 -6.89 -36.33 2.17
CA ASN C 193 -6.86 -35.09 1.40
C ASN C 193 -7.23 -33.86 2.27
N TRP C 194 -7.74 -34.11 3.47
CA TRP C 194 -7.80 -33.10 4.54
C TRP C 194 -6.39 -32.73 5.03
N GLN C 195 -5.44 -33.67 4.95
CA GLN C 195 -4.05 -33.43 5.33
C GLN C 195 -3.32 -32.53 4.33
N ARG C 196 -3.78 -32.52 3.08
CA ARG C 196 -3.26 -31.60 2.09
C ARG C 196 -3.90 -30.24 2.29
N PHE C 197 -5.19 -30.24 2.66
CA PHE C 197 -5.84 -29.01 3.07
C PHE C 197 -5.03 -28.38 4.20
N TYR C 198 -4.46 -29.23 5.06
CA TYR C 198 -3.51 -28.77 6.05
C TYR C 198 -2.23 -28.29 5.38
N GLN C 199 -1.66 -29.14 4.52
CA GLN C 199 -0.39 -28.84 3.84
C GLN C 199 -0.42 -27.51 3.09
N LEU C 200 -1.52 -27.24 2.40
CA LEU C 200 -1.62 -26.04 1.56
C LEU C 200 -2.02 -24.79 2.34
N THR C 201 -2.83 -24.92 3.38
CA THR C 201 -3.22 -23.75 4.18
C THR C 201 -2.08 -23.21 5.03
N LYS C 202 -1.24 -24.11 5.56
CA LYS C 202 -0.01 -23.69 6.23
C LYS C 202 0.88 -22.83 5.34
N LEU C 203 0.89 -23.12 4.03
CA LEU C 203 1.65 -22.30 3.09
C LEU C 203 1.09 -20.89 3.06
N LEU C 204 -0.24 -20.78 2.89
CA LEU C 204 -0.89 -19.47 2.93
C LEU C 204 -0.63 -18.69 4.22
N ASP C 205 -0.50 -19.39 5.34
CA ASP C 205 -0.14 -18.75 6.59
C ASP C 205 1.33 -18.31 6.60
N SER C 206 2.20 -19.07 5.95
CA SER C 206 3.62 -18.68 5.89
C SER C 206 3.87 -17.60 4.85
N MET C 207 2.86 -17.28 4.06
CA MET C 207 2.92 -16.15 3.12
C MET C 207 3.01 -14.80 3.84
N HIS C 208 2.37 -14.69 5.01
CA HIS C 208 2.44 -13.46 5.80
C HIS C 208 3.87 -13.11 6.07
N GLU C 209 4.63 -14.10 6.49
CA GLU C 209 6.03 -13.91 6.86
C GLU C 209 6.85 -13.53 5.64
N VAL C 210 6.67 -14.25 4.54
CA VAL C 210 7.37 -13.92 3.29
C VAL C 210 7.02 -12.50 2.85
N VAL C 211 5.72 -12.18 2.87
CA VAL C 211 5.25 -10.84 2.46
C VAL C 211 5.77 -9.71 3.36
N GLU C 212 6.07 -10.01 4.63
CA GLU C 212 6.62 -9.00 5.53
C GLU C 212 7.99 -8.51 5.04
N ASN C 213 8.84 -9.46 4.67
CA ASN C 213 10.16 -9.15 4.15
C ASN C 213 10.15 -8.34 2.88
N LEU C 214 9.20 -8.63 2.00
CA LEU C 214 9.17 -7.97 0.73
C LEU C 214 8.61 -6.57 0.90
N LEU C 215 7.67 -6.43 1.82
CA LEU C 215 7.03 -5.12 2.05
C LEU C 215 8.00 -4.10 2.64
N ASN C 216 8.72 -4.46 3.70
CA ASN C 216 9.60 -3.49 4.33
C ASN C 216 10.79 -3.17 3.46
N TYR C 217 11.19 -4.10 2.61
CA TYR C 217 12.20 -3.81 1.60
C TYR C 217 11.62 -2.76 0.66
N CYS C 218 10.39 -3.02 0.22
CA CYS C 218 9.68 -2.14 -0.69
C CYS C 218 9.39 -0.75 -0.10
N PHE C 219 9.16 -0.67 1.21
CA PHE C 219 8.95 0.61 1.87
C PHE C 219 10.26 1.36 1.99
N GLN C 220 11.30 0.65 2.41
CA GLN C 220 12.63 1.23 2.52
C GLN C 220 13.11 1.78 1.17
N THR C 221 12.91 1.03 0.10
CA THR C 221 13.26 1.50 -1.26
C THR C 221 12.44 2.72 -1.72
N PHE C 222 11.23 2.85 -1.17
CA PHE C 222 10.35 3.96 -1.48
C PHE C 222 10.64 5.19 -0.63
N LEU C 223 10.96 4.97 0.64
CA LEU C 223 11.29 6.07 1.55
C LEU C 223 12.72 6.58 1.40
N ASP C 224 13.59 5.84 0.70
CA ASP C 224 15.00 6.25 0.60
C ASP C 224 15.18 7.33 -0.46
N LYS C 225 16.08 8.27 -0.18
CA LYS C 225 16.30 9.43 -1.07
C LYS C 225 17.54 9.25 -1.95
N THR C 226 18.63 8.84 -1.33
CA THR C 226 19.90 8.57 -2.03
C THR C 226 19.73 7.53 -3.16
N MET C 227 18.81 6.60 -2.97
CA MET C 227 18.50 5.59 -3.98
C MET C 227 17.26 6.04 -4.75
N SER C 228 17.50 6.56 -5.95
CA SER C 228 16.46 7.17 -6.76
C SER C 228 15.85 6.12 -7.66
N ILE C 229 14.64 5.66 -7.31
CA ILE C 229 13.90 4.67 -8.10
C ILE C 229 12.47 5.15 -8.32
N GLU C 230 12.02 5.08 -9.58
CA GLU C 230 10.72 5.60 -9.97
C GLU C 230 9.60 4.67 -9.50
N PHE C 231 8.64 5.20 -8.75
CA PHE C 231 7.45 4.44 -8.41
C PHE C 231 6.24 4.98 -9.18
N PRO C 232 5.52 4.09 -9.90
CA PRO C 232 4.36 4.55 -10.66
C PRO C 232 3.25 5.03 -9.74
N GLU C 233 2.35 5.86 -10.26
CA GLU C 233 1.26 6.42 -9.46
C GLU C 233 0.61 5.38 -8.54
N MET C 234 0.22 4.23 -9.09
CA MET C 234 -0.46 3.20 -8.30
C MET C 234 0.37 2.76 -7.10
N LEU C 235 1.58 2.30 -7.36
CA LEU C 235 2.46 1.79 -6.34
C LEU C 235 2.81 2.92 -5.38
N ALA C 236 3.06 4.09 -5.96
CA ALA C 236 3.30 5.30 -5.17
C ALA C 236 2.17 5.54 -4.17
N GLU C 237 0.93 5.46 -4.64
CA GLU C 237 -0.24 5.77 -3.81
C GLU C 237 -0.54 4.69 -2.77
N ILE C 238 -0.45 3.44 -3.21
CA ILE C 238 -0.79 2.30 -2.36
C ILE C 238 0.20 2.20 -1.25
N ILE C 239 1.47 2.15 -1.61
CA ILE C 239 2.52 2.04 -0.61
C ILE C 239 2.23 3.06 0.48
N THR C 240 2.27 4.34 0.12
CA THR C 240 1.96 5.45 1.04
C THR C 240 0.84 5.15 2.04
N ASN C 241 -0.21 4.46 1.59
CA ASN C 241 -1.35 4.14 2.43
C ASN C 241 -1.18 2.93 3.32
N GLN C 242 -0.48 1.91 2.83
CA GLN C 242 -0.20 0.74 3.63
C GLN C 242 0.68 1.12 4.82
N ILE C 243 1.83 1.74 4.55
CA ILE C 243 2.87 2.02 5.57
C ILE C 243 2.33 2.34 6.97
N PRO C 244 1.45 3.35 7.10
CA PRO C 244 0.84 3.56 8.41
C PRO C 244 0.08 2.34 8.90
N LYS C 245 -0.87 1.87 8.08
CA LYS C 245 -1.76 0.74 8.43
C LYS C 245 -0.98 -0.55 8.73
N TYR C 246 0.07 -0.78 7.94
CA TYR C 246 0.95 -1.94 8.08
C TYR C 246 1.58 -2.04 9.50
N SER C 247 1.69 -0.91 10.19
CA SER C 247 2.23 -0.89 11.56
C SER C 247 1.58 -1.97 12.44
N ASN C 248 2.33 -2.42 13.43
CA ASN C 248 1.78 -3.31 14.44
C ASN C 248 0.59 -2.60 15.08
N GLY C 249 -0.47 -3.37 15.31
CA GLY C 249 -1.69 -2.87 15.92
C GLY C 249 -2.87 -3.00 14.98
N ASN C 250 -2.96 -2.10 14.02
CA ASN C 250 -4.20 -1.89 13.26
C ASN C 250 -4.50 -2.92 12.20
N ILE C 251 -3.54 -3.80 11.92
CA ILE C 251 -3.66 -4.75 10.84
C ILE C 251 -3.64 -6.18 11.38
N LYS C 252 -4.77 -6.86 11.22
CA LYS C 252 -4.94 -8.25 11.68
C LYS C 252 -4.62 -9.18 10.52
N LYS C 253 -3.88 -10.25 10.83
CA LYS C 253 -3.50 -11.25 9.84
C LYS C 253 -4.27 -12.53 10.14
N LEU C 254 -5.13 -12.93 9.22
CA LEU C 254 -5.95 -14.11 9.40
C LEU C 254 -5.12 -15.37 9.27
N LEU C 255 -5.47 -16.38 10.05
CA LEU C 255 -4.69 -17.59 10.13
C LEU C 255 -5.59 -18.82 10.04
N PHE C 256 -5.03 -19.90 9.50
CA PHE C 256 -5.71 -21.18 9.45
C PHE C 256 -5.27 -22.09 10.59
N HIS C 257 -4.09 -21.82 11.14
CA HIS C 257 -3.55 -22.59 12.27
C HIS C 257 -3.01 -21.59 13.28
N GLN C 258 -2.58 -22.06 14.44
CA GLN C 258 -2.17 -21.15 15.51
C GLN C 258 -0.79 -21.48 16.04
N ASN D 3 -6.09 7.52 -1.82
CA ASN D 3 -7.45 6.99 -2.17
C ASN D 3 -7.78 7.11 -3.67
N ALA D 4 -7.14 8.07 -4.35
CA ALA D 4 -7.49 8.47 -5.72
C ALA D 4 -7.15 7.40 -6.76
N LEU D 5 -5.87 7.13 -6.94
CA LEU D 5 -5.40 6.20 -7.99
C LEU D 5 -6.10 4.85 -7.94
N LEU D 6 -6.33 4.36 -6.72
CA LEU D 6 -6.99 3.08 -6.53
C LEU D 6 -8.48 3.17 -6.81
N ARG D 7 -9.15 4.20 -6.30
CA ARG D 7 -10.57 4.40 -6.57
C ARG D 7 -10.85 4.54 -8.07
N TYR D 8 -9.96 5.19 -8.81
CA TYR D 8 -10.28 5.49 -10.21
C TYR D 8 -10.08 4.34 -11.15
N LEU D 9 -9.40 3.31 -10.68
CA LEU D 9 -9.35 2.05 -11.41
C LEU D 9 -10.50 1.17 -10.93
N LEU D 10 -10.91 1.32 -9.67
CA LEU D 10 -12.10 0.62 -9.17
C LEU D 10 -13.40 1.12 -9.83
N ASP D 11 -13.48 2.41 -10.10
CA ASP D 11 -14.63 2.94 -10.83
C ASP D 11 -14.60 2.53 -12.31
N LYS D 12 -13.41 2.38 -12.91
CA LYS D 12 -13.26 2.00 -14.31
C LYS D 12 -14.03 0.74 -14.65
N LEU E 7 8.26 8.23 6.40
CA LEU E 7 9.26 8.84 7.33
C LEU E 7 8.54 9.34 8.59
N PRO E 8 8.87 10.55 9.04
CA PRO E 8 8.15 11.19 10.16
C PRO E 8 6.69 11.49 9.81
N GLN E 9 6.44 11.79 8.53
CA GLN E 9 5.09 12.04 8.04
C GLN E 9 4.26 10.76 8.07
N LEU E 10 4.83 9.69 7.51
CA LEU E 10 4.17 8.38 7.44
C LEU E 10 4.10 7.71 8.82
N THR E 11 5.26 7.43 9.42
CA THR E 11 5.31 6.79 10.73
C THR E 11 5.00 7.79 11.86
N PRO E 12 3.88 7.61 12.59
CA PRO E 12 3.59 8.51 13.71
C PRO E 12 4.52 8.30 14.91
N THR E 13 4.35 7.19 15.63
CA THR E 13 5.18 6.89 16.80
C THR E 13 6.52 6.35 16.33
N LEU E 14 7.57 6.53 17.14
CA LEU E 14 8.88 5.99 16.82
C LEU E 14 8.78 4.48 16.60
N VAL E 15 8.04 3.79 17.46
CA VAL E 15 7.91 2.34 17.37
C VAL E 15 7.50 1.87 15.99
N SER E 16 6.71 2.67 15.28
CA SER E 16 6.30 2.34 13.92
C SER E 16 7.41 2.70 12.93
N LEU E 17 8.23 3.70 13.24
CA LEU E 17 9.39 3.99 12.41
C LEU E 17 10.42 2.88 12.57
N LEU E 18 10.70 2.49 13.81
CA LEU E 18 11.66 1.42 14.09
C LEU E 18 11.25 0.12 13.41
N GLU E 19 9.95 -0.09 13.26
CA GLU E 19 9.42 -1.23 12.52
C GLU E 19 9.77 -1.20 11.02
N VAL E 20 9.51 -0.07 10.38
CA VAL E 20 9.74 0.03 8.93
C VAL E 20 11.21 0.04 8.54
N ILE E 21 12.09 0.44 9.46
CA ILE E 21 13.51 0.45 9.13
C ILE E 21 14.22 -0.85 9.56
N GLU E 22 13.47 -1.83 10.03
CA GLU E 22 14.04 -3.09 10.48
C GLU E 22 14.62 -3.86 9.30
N PRO E 23 15.96 -4.05 9.28
CA PRO E 23 16.61 -4.75 8.15
C PRO E 23 15.93 -6.04 7.73
N GLU E 24 16.26 -6.53 6.55
CA GLU E 24 15.57 -7.70 6.02
C GLU E 24 16.19 -8.96 6.58
N VAL E 25 15.48 -10.08 6.43
CA VAL E 25 16.02 -11.40 6.70
C VAL E 25 16.96 -11.77 5.55
N LEU E 26 18.25 -11.84 5.86
CA LEU E 26 19.26 -12.24 4.89
C LEU E 26 19.37 -13.75 4.84
N TYR E 27 19.79 -14.27 3.68
CA TYR E 27 19.99 -15.71 3.48
C TYR E 27 21.48 -16.04 3.51
N ALA E 28 21.83 -17.21 4.05
CA ALA E 28 23.23 -17.59 4.28
C ALA E 28 23.96 -18.01 3.00
N GLY E 29 23.23 -18.60 2.06
CA GLY E 29 23.83 -19.23 0.87
C GLY E 29 24.44 -20.60 1.15
N TYR E 30 23.77 -21.37 2.00
CA TYR E 30 24.29 -22.65 2.52
C TYR E 30 23.58 -23.85 1.87
N ASP E 31 24.31 -24.94 1.61
CA ASP E 31 23.70 -26.17 1.07
C ASP E 31 23.44 -27.23 2.17
N SER E 32 22.19 -27.70 2.26
CA SER E 32 21.85 -28.77 3.21
C SER E 32 22.00 -30.16 2.57
N SER E 33 22.15 -30.19 1.24
CA SER E 33 22.13 -31.44 0.48
C SER E 33 23.44 -32.22 0.59
N VAL E 34 24.45 -31.63 1.24
CA VAL E 34 25.66 -32.36 1.63
C VAL E 34 25.89 -32.13 3.11
N PRO E 35 26.63 -33.05 3.77
CA PRO E 35 26.69 -32.97 5.22
C PRO E 35 27.50 -31.77 5.69
N ASP E 36 27.30 -31.41 6.94
CA ASP E 36 27.76 -30.15 7.45
C ASP E 36 29.11 -30.35 8.13
N SER E 37 29.67 -29.26 8.67
CA SER E 37 30.96 -29.32 9.38
C SER E 37 31.33 -27.96 10.00
N THR E 38 32.63 -27.65 10.05
CA THR E 38 33.14 -26.47 10.73
C THR E 38 33.40 -25.34 9.75
N TRP E 39 34.31 -25.57 8.80
CA TRP E 39 34.72 -24.52 7.87
C TRP E 39 33.50 -23.90 7.24
N ARG E 40 32.60 -24.76 6.79
CA ARG E 40 31.40 -24.33 6.06
C ARG E 40 30.52 -23.40 6.88
N ILE E 41 30.19 -23.82 8.10
CA ILE E 41 29.39 -23.03 9.02
C ILE E 41 30.10 -21.75 9.42
N MET E 42 31.41 -21.85 9.68
CA MET E 42 32.17 -20.71 10.16
C MET E 42 32.48 -19.72 9.02
N THR E 43 32.91 -20.22 7.88
CA THR E 43 33.19 -19.37 6.71
C THR E 43 31.91 -18.73 6.14
N THR E 44 30.79 -19.43 6.25
CA THR E 44 29.49 -18.92 5.81
C THR E 44 29.00 -17.78 6.70
N LEU E 45 29.11 -17.97 8.01
CA LEU E 45 28.59 -17.00 8.97
C LEU E 45 29.39 -15.70 8.98
N ASN E 46 30.68 -15.79 8.67
CA ASN E 46 31.50 -14.60 8.55
C ASN E 46 30.96 -13.71 7.44
N MET E 47 30.79 -14.30 6.26
CA MET E 47 30.27 -13.57 5.12
C MET E 47 28.89 -13.00 5.46
N LEU E 48 28.06 -13.79 6.14
CA LEU E 48 26.70 -13.38 6.53
C LEU E 48 26.79 -12.26 7.57
N GLY E 49 27.60 -12.47 8.59
CA GLY E 49 27.83 -11.43 9.59
C GLY E 49 28.27 -10.16 8.90
N GLY E 50 29.11 -10.34 7.87
CA GLY E 50 29.59 -9.23 7.05
C GLY E 50 28.43 -8.43 6.53
N ARG E 51 27.52 -9.10 5.83
CA ARG E 51 26.41 -8.43 5.16
C ARG E 51 25.35 -7.94 6.14
N GLN E 52 25.35 -8.51 7.34
CA GLN E 52 24.37 -8.12 8.33
C GLN E 52 24.80 -6.87 9.09
N VAL E 53 26.11 -6.59 9.07
CA VAL E 53 26.63 -5.35 9.64
C VAL E 53 26.31 -4.21 8.69
N ILE E 54 26.56 -4.43 7.41
CA ILE E 54 26.23 -3.44 6.39
C ILE E 54 24.75 -3.04 6.50
N ALA E 55 23.91 -4.03 6.80
CA ALA E 55 22.49 -3.80 7.06
C ALA E 55 22.28 -3.01 8.37
N ALA E 56 23.14 -3.24 9.35
CA ALA E 56 23.06 -2.51 10.62
C ALA E 56 23.29 -1.00 10.41
N VAL E 57 24.27 -0.69 9.57
CA VAL E 57 24.66 0.68 9.27
C VAL E 57 23.55 1.43 8.55
N LYS E 58 22.88 0.76 7.61
CA LYS E 58 21.77 1.37 6.88
C LYS E 58 20.61 1.60 7.83
N TRP E 59 20.39 0.66 8.75
CA TRP E 59 19.37 0.80 9.80
C TRP E 59 19.71 1.99 10.68
N ALA E 60 20.85 1.93 11.37
CA ALA E 60 21.30 3.05 12.21
C ALA E 60 21.07 4.39 11.52
N LYS E 61 21.70 4.56 10.35
CA LYS E 61 21.51 5.75 9.51
C LYS E 61 20.08 6.33 9.53
N ALA E 62 19.07 5.45 9.53
CA ALA E 62 17.67 5.87 9.47
C ALA E 62 17.07 6.25 10.83
N ILE E 63 17.80 5.99 11.91
CA ILE E 63 17.29 6.32 13.24
C ILE E 63 17.40 7.81 13.53
N PRO E 64 16.29 8.44 13.98
CA PRO E 64 16.25 9.87 14.24
C PRO E 64 17.44 10.35 15.06
N GLY E 65 18.01 11.50 14.68
CA GLY E 65 19.13 12.07 15.40
C GLY E 65 20.46 11.43 15.03
N PHE E 66 20.49 10.10 14.96
CA PHE E 66 21.72 9.38 14.65
C PHE E 66 22.45 10.03 13.48
N ARG E 67 21.71 10.32 12.41
CA ARG E 67 22.30 10.97 11.25
C ARG E 67 22.96 12.28 11.65
N ASN E 68 22.28 13.02 12.52
CA ASN E 68 22.77 14.31 13.05
C ASN E 68 23.75 14.20 14.24
N LEU E 69 24.30 13.01 14.49
CA LEU E 69 25.34 12.87 15.51
C LEU E 69 26.69 13.22 14.86
N HIS E 70 27.77 13.11 15.64
CA HIS E 70 29.11 13.37 15.13
C HIS E 70 29.54 12.17 14.29
N LEU E 71 30.03 12.43 13.07
CA LEU E 71 30.39 11.34 12.14
C LEU E 71 31.41 10.39 12.74
N ASP E 72 32.48 10.97 13.29
CA ASP E 72 33.53 10.22 13.99
C ASP E 72 32.99 9.33 15.12
N ASP E 73 31.93 9.79 15.79
CA ASP E 73 31.26 9.03 16.86
C ASP E 73 30.46 7.82 16.33
N GLN E 74 29.72 8.04 15.23
CA GLN E 74 28.90 6.98 14.62
C GLN E 74 29.69 5.72 14.35
N MET E 75 30.86 5.88 13.72
CA MET E 75 31.75 4.76 13.42
C MET E 75 32.03 3.95 14.69
N THR E 76 32.68 4.57 15.67
CA THR E 76 32.97 3.92 16.94
C THR E 76 31.73 3.30 17.61
N LEU E 77 30.56 3.91 17.40
CA LEU E 77 29.31 3.43 18.00
C LEU E 77 28.86 2.13 17.34
N LEU E 78 28.98 2.08 16.02
CA LEU E 78 28.73 0.86 15.25
C LEU E 78 29.86 -0.14 15.49
N GLN E 79 31.09 0.37 15.56
CA GLN E 79 32.30 -0.44 15.83
C GLN E 79 32.23 -1.21 17.15
N TYR E 80 31.61 -0.61 18.17
CA TYR E 80 31.44 -1.26 19.46
C TYR E 80 30.18 -2.13 19.45
N SER E 81 29.08 -1.54 18.98
CA SER E 81 27.75 -2.11 19.15
C SER E 81 27.48 -3.34 18.31
N TRP E 82 27.96 -3.33 17.07
CA TRP E 82 27.56 -4.34 16.08
C TRP E 82 27.38 -5.72 16.67
N MET E 83 28.28 -6.14 17.55
CA MET E 83 28.24 -7.48 18.11
C MET E 83 27.04 -7.64 19.03
N TYR E 84 26.73 -6.60 19.80
CA TYR E 84 25.56 -6.57 20.66
C TYR E 84 24.31 -6.84 19.84
N LEU E 85 24.24 -6.15 18.71
CA LEU E 85 23.05 -6.14 17.87
C LEU E 85 22.81 -7.50 17.22
N MET E 86 23.88 -8.23 16.91
CA MET E 86 23.73 -9.52 16.25
C MET E 86 23.20 -10.57 17.19
N ALA E 87 23.81 -10.68 18.36
CA ALA E 87 23.40 -11.68 19.35
C ALA E 87 21.94 -11.45 19.75
N PHE E 88 21.57 -10.18 19.86
CA PHE E 88 20.19 -9.84 20.19
C PHE E 88 19.25 -10.15 19.03
N ALA E 89 19.64 -9.74 17.83
CA ALA E 89 18.87 -10.07 16.64
C ALA E 89 18.89 -11.56 16.32
N LEU E 90 19.85 -12.30 16.87
CA LEU E 90 19.89 -13.76 16.70
C LEU E 90 18.88 -14.40 17.65
N GLY E 91 18.99 -14.07 18.93
CA GLY E 91 18.09 -14.61 19.93
C GLY E 91 16.62 -14.32 19.65
N TRP E 92 16.34 -13.18 19.02
CA TRP E 92 14.96 -12.81 18.73
C TRP E 92 14.43 -13.72 17.62
N ARG E 93 15.17 -13.82 16.53
CA ARG E 93 14.76 -14.69 15.44
C ARG E 93 14.59 -16.12 15.92
N SER E 94 15.52 -16.58 16.77
CA SER E 94 15.46 -17.96 17.32
C SER E 94 14.32 -18.16 18.32
N TYR E 95 14.02 -17.12 19.10
CA TYR E 95 12.83 -17.05 19.94
C TYR E 95 11.55 -17.12 19.11
N ARG E 96 11.46 -16.29 18.08
CA ARG E 96 10.25 -16.22 17.29
C ARG E 96 10.20 -17.28 16.17
N GLN E 97 11.32 -17.94 15.89
CA GLN E 97 11.37 -18.95 14.84
C GLN E 97 10.83 -20.28 15.32
N SER E 98 11.45 -20.81 16.38
CA SER E 98 10.96 -22.01 17.05
C SER E 98 10.50 -21.63 18.45
N SER E 99 11.47 -21.45 19.34
CA SER E 99 11.23 -20.98 20.71
C SER E 99 12.53 -21.14 21.49
N ALA E 100 12.65 -22.21 22.26
CA ALA E 100 13.88 -22.49 23.00
C ALA E 100 14.93 -23.09 22.05
N ASN E 101 14.73 -24.36 21.72
CA ASN E 101 15.75 -25.20 21.09
C ASN E 101 16.67 -24.55 20.03
N LEU E 102 16.18 -24.36 18.81
CA LEU E 102 17.04 -24.11 17.64
C LEU E 102 17.71 -22.74 17.66
N LEU E 103 18.62 -22.53 16.71
CA LEU E 103 19.32 -21.25 16.55
C LEU E 103 19.30 -20.85 15.06
N CYS E 104 18.67 -19.71 14.78
CA CYS E 104 18.34 -19.35 13.40
C CYS E 104 19.11 -18.13 12.90
N PHE E 105 20.18 -18.38 12.15
CA PHE E 105 20.97 -17.29 11.58
C PHE E 105 20.38 -16.83 10.23
N ALA E 106 19.76 -17.77 9.53
CA ALA E 106 19.06 -17.48 8.28
C ALA E 106 18.07 -18.61 8.05
N PRO E 107 17.07 -18.39 7.18
CA PRO E 107 16.14 -19.48 6.93
C PRO E 107 16.87 -20.77 6.55
N ASP E 108 17.94 -20.65 5.77
CA ASP E 108 18.71 -21.79 5.27
C ASP E 108 19.91 -22.21 6.15
N LEU E 109 20.12 -21.53 7.28
CA LEU E 109 21.24 -21.82 8.16
C LEU E 109 20.78 -21.94 9.60
N ILE E 110 19.98 -22.96 9.87
CA ILE E 110 19.41 -23.17 11.20
C ILE E 110 20.23 -24.22 11.92
N ILE E 111 20.68 -23.91 13.14
CA ILE E 111 21.58 -24.79 13.88
C ILE E 111 20.82 -25.74 14.83
N ASN E 112 20.55 -26.95 14.35
CA ASN E 112 19.91 -28.00 15.16
C ASN E 112 20.92 -28.58 16.13
N GLU E 113 20.47 -29.53 16.94
CA GLU E 113 21.33 -30.18 17.94
C GLU E 113 22.57 -30.78 17.29
N GLN E 114 22.34 -31.57 16.25
CA GLN E 114 23.43 -32.18 15.48
C GLN E 114 24.41 -31.15 14.92
N ARG E 115 23.89 -30.00 14.49
CA ARG E 115 24.74 -28.96 13.90
C ARG E 115 25.62 -28.29 14.95
N MET E 116 25.20 -28.29 16.20
CA MET E 116 25.97 -27.64 17.26
C MET E 116 27.10 -28.52 17.76
N THR E 117 27.22 -29.73 17.24
CA THR E 117 28.10 -30.75 17.82
C THR E 117 29.59 -30.44 17.73
N LEU E 118 30.14 -30.48 16.51
CA LEU E 118 31.58 -30.77 16.32
C LEU E 118 32.58 -29.69 16.77
N PRO E 119 32.76 -28.61 15.97
CA PRO E 119 33.97 -27.81 16.16
C PRO E 119 33.80 -26.65 17.18
N GLY E 120 34.03 -25.40 16.77
CA GLY E 120 33.97 -24.27 17.70
C GLY E 120 32.62 -24.11 18.38
N MET E 121 31.54 -24.40 17.65
CA MET E 121 30.18 -24.38 18.17
C MET E 121 29.93 -25.61 19.06
N TYR E 122 29.32 -25.38 20.22
CA TYR E 122 29.18 -26.40 21.29
C TYR E 122 29.11 -25.74 22.67
N ASP E 123 29.78 -24.60 22.79
CA ASP E 123 29.67 -23.72 23.95
C ASP E 123 29.34 -22.29 23.52
N GLN E 124 29.88 -21.87 22.37
CA GLN E 124 29.62 -20.54 21.82
C GLN E 124 28.14 -20.26 21.50
N CYS E 125 27.33 -21.32 21.38
CA CYS E 125 25.89 -21.20 21.12
C CYS E 125 25.08 -20.87 22.39
N LYS E 126 25.55 -21.37 23.54
CA LYS E 126 24.91 -21.09 24.82
C LYS E 126 24.81 -19.58 25.09
N HIS E 127 25.81 -18.83 24.63
CA HIS E 127 25.80 -17.38 24.74
C HIS E 127 24.80 -16.70 23.78
N MET E 128 24.54 -17.35 22.65
CA MET E 128 23.58 -16.84 21.67
C MET E 128 22.20 -17.31 22.00
N LEU E 129 22.11 -18.58 22.41
CA LEU E 129 20.84 -19.20 22.76
C LEU E 129 20.38 -18.76 24.16
N TYR E 130 21.31 -18.23 24.96
CA TYR E 130 20.96 -17.66 26.25
C TYR E 130 20.03 -16.46 26.07
N VAL E 131 20.44 -15.54 25.18
CA VAL E 131 19.63 -14.35 24.91
C VAL E 131 18.26 -14.77 24.40
N SER E 132 18.26 -15.77 23.51
CA SER E 132 17.03 -16.33 22.98
C SER E 132 16.11 -16.85 24.10
N SER E 133 16.68 -17.61 25.03
CA SER E 133 15.92 -18.16 26.14
C SER E 133 15.43 -17.07 27.10
N GLU E 134 16.21 -16.00 27.23
CA GLU E 134 15.81 -14.84 28.02
C GLU E 134 14.61 -14.14 27.37
N LEU E 135 14.70 -13.88 26.07
CA LEU E 135 13.60 -13.28 25.31
C LEU E 135 12.33 -14.14 25.32
N HIS E 136 12.48 -15.45 25.48
CA HIS E 136 11.34 -16.38 25.44
C HIS E 136 10.65 -16.57 26.79
N ARG E 137 11.42 -16.70 27.87
CA ARG E 137 10.83 -16.81 29.20
C ARG E 137 10.03 -15.54 29.51
N LEU E 138 10.63 -14.40 29.19
CA LEU E 138 10.01 -13.10 29.45
C LEU E 138 8.90 -12.80 28.46
N GLN E 139 8.92 -13.47 27.31
CA GLN E 139 7.89 -13.33 26.28
C GLN E 139 7.90 -11.92 25.72
N VAL E 140 9.06 -11.46 25.28
CA VAL E 140 9.24 -10.06 24.88
C VAL E 140 8.45 -9.71 23.62
N SER E 141 7.86 -8.51 23.61
CA SER E 141 7.08 -8.05 22.48
C SER E 141 8.00 -7.50 21.41
N TYR E 142 7.50 -7.51 20.18
CA TYR E 142 8.25 -7.03 19.03
C TYR E 142 8.62 -5.56 19.20
N GLU E 143 7.73 -4.81 19.83
CA GLU E 143 7.98 -3.38 20.07
C GLU E 143 9.01 -3.18 21.18
N GLU E 144 8.96 -4.03 22.20
CA GLU E 144 9.98 -4.00 23.23
C GLU E 144 11.29 -4.33 22.55
N TYR E 145 11.32 -5.49 21.89
CA TYR E 145 12.50 -5.95 21.18
C TYR E 145 13.24 -4.83 20.43
N LEU E 146 12.51 -4.03 19.65
CA LEU E 146 13.15 -3.02 18.81
C LEU E 146 13.84 -1.97 19.64
N CYS E 147 13.13 -1.48 20.66
CA CYS E 147 13.68 -0.50 21.59
C CYS E 147 14.96 -1.05 22.19
N MET E 148 14.86 -2.23 22.81
CA MET E 148 16.01 -2.89 23.41
C MET E 148 17.18 -2.98 22.44
N LYS E 149 16.89 -3.15 21.15
CA LYS E 149 17.94 -3.24 20.14
C LYS E 149 18.62 -1.90 19.90
N THR E 150 17.81 -0.84 19.78
CA THR E 150 18.36 0.50 19.64
C THR E 150 19.28 0.88 20.81
N LEU E 151 19.07 0.32 22.00
CA LEU E 151 19.91 0.64 23.17
C LEU E 151 21.24 -0.08 23.07
N LEU E 152 21.18 -1.35 22.70
CA LEU E 152 22.38 -2.15 22.52
C LEU E 152 23.26 -1.57 21.40
N LEU E 153 22.69 -0.63 20.64
CA LEU E 153 23.48 0.25 19.79
C LEU E 153 24.16 1.32 20.65
N LEU E 154 23.39 1.93 21.54
CA LEU E 154 23.87 3.02 22.40
C LEU E 154 24.32 2.55 23.79
N SER E 155 24.59 1.26 23.93
CA SER E 155 24.94 0.67 25.23
C SER E 155 26.44 0.78 25.61
N SER E 156 27.28 1.24 24.68
CA SER E 156 28.73 1.32 24.90
C SER E 156 29.36 2.57 24.29
N VAL E 157 30.44 3.03 24.92
CA VAL E 157 31.13 4.26 24.53
C VAL E 157 32.64 4.20 24.88
N PRO E 158 33.44 5.17 24.40
CA PRO E 158 34.80 5.28 24.90
C PRO E 158 34.84 5.87 26.31
N LYS E 159 35.95 5.67 27.03
CA LYS E 159 36.10 6.21 28.39
C LYS E 159 36.34 7.72 28.37
N ASP E 160 37.01 8.20 27.32
CA ASP E 160 37.31 9.63 27.17
C ASP E 160 36.07 10.46 26.81
N GLY E 161 35.02 9.80 26.33
CA GLY E 161 33.79 10.47 25.90
C GLY E 161 33.85 10.86 24.44
N LEU E 162 32.68 11.00 23.80
CA LEU E 162 32.65 11.45 22.40
C LEU E 162 31.48 12.35 22.04
N LYS E 163 31.80 13.48 21.42
CA LYS E 163 30.83 14.42 20.86
C LYS E 163 31.34 14.95 19.53
N GLN E 165 28.38 13.51 22.86
CA GLN E 165 27.92 12.95 24.11
C GLN E 165 26.60 13.57 24.54
N GLU E 166 26.37 14.82 24.12
CA GLU E 166 25.14 15.52 24.44
C GLU E 166 23.94 14.85 23.76
N LEU E 167 23.94 14.87 22.43
CA LEU E 167 22.85 14.27 21.64
C LEU E 167 22.74 12.78 21.96
N PHE E 168 23.88 12.12 22.15
CA PHE E 168 23.93 10.71 22.52
C PHE E 168 23.03 10.41 23.73
N ASP E 169 23.31 11.06 24.86
CA ASP E 169 22.52 10.85 26.08
C ASP E 169 21.08 11.34 25.96
N GLU E 170 20.86 12.33 25.08
CA GLU E 170 19.51 12.79 24.76
C GLU E 170 18.76 11.70 24.01
N ILE E 171 19.38 11.17 22.96
CA ILE E 171 18.82 10.06 22.20
C ILE E 171 18.65 8.82 23.08
N ARG E 172 19.74 8.36 23.68
CA ARG E 172 19.71 7.16 24.54
C ARG E 172 18.54 7.17 25.52
N MET E 173 18.29 8.33 26.14
CA MET E 173 17.21 8.47 27.11
C MET E 173 15.85 8.49 26.40
N THR E 174 15.84 8.91 25.14
CA THR E 174 14.63 8.82 24.32
C THR E 174 14.14 7.39 24.27
N TYR E 175 15.02 6.47 23.91
CA TYR E 175 14.64 5.08 23.70
C TYR E 175 14.41 4.32 25.01
N ILE E 176 15.12 4.70 26.06
CA ILE E 176 14.80 4.22 27.41
C ILE E 176 13.34 4.55 27.75
N LYS E 177 12.89 5.75 27.38
CA LYS E 177 11.49 6.14 27.56
C LYS E 177 10.59 5.41 26.57
N GLU E 178 11.12 5.11 25.38
CA GLU E 178 10.34 4.43 24.35
C GLU E 178 10.11 2.95 24.70
N LEU E 179 11.10 2.35 25.37
CA LEU E 179 10.94 1.01 25.95
C LEU E 179 9.79 1.04 26.97
N GLY E 180 9.90 1.92 27.95
CA GLY E 180 8.85 2.10 28.95
C GLY E 180 7.46 2.23 28.33
N LYS E 181 7.38 2.93 27.20
CA LYS E 181 6.13 3.05 26.47
C LYS E 181 5.64 1.70 26.01
N ALA E 182 6.55 0.91 25.44
CA ALA E 182 6.23 -0.44 24.95
C ALA E 182 5.75 -1.37 26.07
N ILE E 183 6.20 -1.10 27.29
CA ILE E 183 5.86 -1.93 28.45
C ILE E 183 4.42 -1.68 28.93
N VAL E 184 3.96 -0.45 28.80
CA VAL E 184 2.59 -0.11 29.14
C VAL E 184 1.64 -0.78 28.15
N LYS E 185 1.87 -0.57 26.87
CA LYS E 185 1.02 -1.09 25.78
C LYS E 185 0.84 -2.62 25.81
N ARG E 186 1.78 -3.31 26.43
CA ARG E 186 1.70 -4.77 26.59
C ARG E 186 0.46 -5.19 27.42
N GLU E 187 0.08 -6.46 27.29
CA GLU E 187 -1.01 -7.06 28.09
C GLU E 187 -0.95 -6.69 29.58
N GLY E 188 -0.02 -7.30 30.32
CA GLY E 188 0.11 -7.06 31.76
C GLY E 188 0.35 -5.60 32.12
N ASN E 189 -0.28 -5.14 33.21
CA ASN E 189 -0.16 -3.75 33.65
C ASN E 189 -0.85 -3.52 35.00
N SER E 190 -0.03 -3.50 36.06
CA SER E 190 -0.51 -3.18 37.39
C SER E 190 0.70 -2.78 38.25
N SER E 191 1.24 -3.73 39.03
CA SER E 191 2.50 -3.54 39.75
C SER E 191 3.68 -4.00 38.89
N GLN E 192 3.41 -4.93 37.97
CA GLN E 192 4.44 -5.53 37.13
C GLN E 192 4.97 -4.58 36.03
N ASN E 193 4.37 -3.41 35.87
CA ASN E 193 4.84 -2.43 34.89
C ASN E 193 6.30 -2.00 35.14
N TRP E 194 6.65 -1.84 36.41
CA TRP E 194 8.00 -1.44 36.80
C TRP E 194 8.90 -2.64 37.02
N GLN E 195 8.29 -3.79 37.29
CA GLN E 195 9.04 -5.04 37.43
C GLN E 195 9.71 -5.43 36.11
N ARG E 196 9.00 -5.27 35.01
CA ARG E 196 9.54 -5.59 33.68
C ARG E 196 10.67 -4.65 33.24
N PHE E 197 10.53 -3.36 33.52
CA PHE E 197 11.53 -2.37 33.09
C PHE E 197 12.89 -2.56 33.77
N TYR E 198 12.88 -3.15 34.96
CA TYR E 198 14.12 -3.52 35.63
C TYR E 198 14.61 -4.88 35.15
N GLN E 199 13.68 -5.74 34.75
CA GLN E 199 14.03 -7.05 34.19
C GLN E 199 14.74 -6.91 32.85
N LEU E 200 14.04 -6.33 31.87
CA LEU E 200 14.57 -6.24 30.50
C LEU E 200 15.95 -5.56 30.47
N THR E 201 16.13 -4.58 31.33
CA THR E 201 17.39 -3.87 31.43
C THR E 201 18.46 -4.71 32.13
N LYS E 202 18.06 -5.72 32.90
CA LYS E 202 19.01 -6.68 33.44
C LYS E 202 19.51 -7.54 32.29
N LEU E 203 18.63 -7.81 31.33
CA LEU E 203 19.01 -8.52 30.12
C LEU E 203 19.94 -7.67 29.23
N LEU E 204 19.74 -6.36 29.23
CA LEU E 204 20.65 -5.45 28.54
C LEU E 204 22.02 -5.42 29.22
N ASP E 205 22.05 -5.59 30.55
CA ASP E 205 23.32 -5.69 31.27
C ASP E 205 24.03 -7.02 31.00
N SER E 206 23.25 -8.08 30.82
CA SER E 206 23.80 -9.39 30.46
C SER E 206 24.40 -9.42 29.05
N MET E 207 24.04 -8.44 28.21
CA MET E 207 24.57 -8.39 26.85
C MET E 207 26.06 -8.09 26.85
N HIS E 208 26.48 -7.08 27.60
CA HIS E 208 27.91 -6.82 27.79
C HIS E 208 28.65 -8.10 28.17
N GLU E 209 27.99 -8.96 28.94
CA GLU E 209 28.53 -10.26 29.32
C GLU E 209 28.81 -11.11 28.10
N VAL E 210 27.77 -11.40 27.31
CA VAL E 210 27.91 -12.26 26.13
C VAL E 210 28.78 -11.63 25.04
N VAL E 211 28.57 -10.34 24.78
CA VAL E 211 29.35 -9.62 23.75
C VAL E 211 30.83 -9.67 24.04
N GLU E 212 31.19 -9.70 25.32
CA GLU E 212 32.58 -9.86 25.75
C GLU E 212 33.13 -11.22 25.34
N ASN E 213 32.34 -12.28 25.55
CA ASN E 213 32.76 -13.63 25.14
C ASN E 213 33.06 -13.70 23.66
N LEU E 214 32.16 -13.11 22.89
CA LEU E 214 32.21 -13.23 21.45
C LEU E 214 33.27 -12.30 20.89
N LEU E 215 33.17 -10.99 21.14
CA LEU E 215 34.21 -10.04 20.72
C LEU E 215 35.64 -10.53 21.06
N ASN E 216 35.76 -11.37 22.08
CA ASN E 216 37.03 -12.02 22.44
C ASN E 216 37.25 -13.32 21.66
N TYR E 217 36.25 -14.22 21.67
CA TYR E 217 36.32 -15.49 20.95
C TYR E 217 36.57 -15.24 19.47
N CYS E 218 35.69 -14.44 18.89
CA CYS E 218 35.75 -14.12 17.46
C CYS E 218 37.14 -13.64 17.09
N PHE E 219 37.68 -12.75 17.91
CA PHE E 219 39.00 -12.19 17.64
C PHE E 219 40.11 -13.23 17.69
N GLN E 220 39.93 -14.25 18.52
CA GLN E 220 40.83 -15.39 18.53
C GLN E 220 41.04 -15.94 17.12
N THR E 221 39.98 -15.99 16.32
CA THR E 221 40.05 -16.50 14.96
C THR E 221 40.60 -15.51 13.93
N PHE E 222 40.49 -14.21 14.19
CA PHE E 222 40.95 -13.19 13.25
C PHE E 222 42.48 -13.15 13.13
N LEU E 223 43.15 -13.11 14.27
CA LEU E 223 44.62 -13.10 14.32
C LEU E 223 45.21 -14.52 14.21
N ASP E 224 44.34 -15.53 14.26
CA ASP E 224 44.77 -16.92 14.13
C ASP E 224 45.24 -17.24 12.72
N LYS E 225 46.56 -17.32 12.56
CA LYS E 225 47.15 -17.65 11.25
C LYS E 225 47.36 -19.17 11.13
N THR E 226 46.89 -19.92 12.14
CA THR E 226 47.13 -21.36 12.26
C THR E 226 45.94 -22.16 11.73
N MET E 227 45.83 -23.42 12.14
CA MET E 227 44.67 -24.27 11.84
C MET E 227 44.30 -25.09 13.08
N ILE E 229 40.23 -17.37 7.75
CA ILE E 229 39.04 -18.10 7.34
C ILE E 229 38.33 -17.40 6.17
N GLU E 230 38.27 -16.07 6.23
CA GLU E 230 37.76 -15.22 5.14
C GLU E 230 37.75 -13.78 5.64
N PHE E 231 36.77 -13.47 6.50
CA PHE E 231 36.57 -12.13 7.06
C PHE E 231 36.54 -11.02 6.00
N PRO E 232 35.37 -10.76 5.39
CA PRO E 232 35.28 -9.70 4.37
C PRO E 232 35.61 -8.31 4.88
N GLU E 233 35.79 -7.37 3.96
CA GLU E 233 36.26 -6.02 4.29
C GLU E 233 35.53 -5.42 5.50
N MET E 234 34.22 -5.60 5.55
CA MET E 234 33.40 -5.01 6.60
C MET E 234 33.85 -5.46 7.98
N LEU E 235 33.84 -6.77 8.23
CA LEU E 235 34.31 -7.32 9.50
C LEU E 235 35.79 -7.00 9.73
N ALA E 236 36.55 -6.87 8.64
CA ALA E 236 37.97 -6.53 8.71
C ALA E 236 38.19 -5.15 9.34
N GLU E 237 37.59 -4.11 8.75
CA GLU E 237 37.66 -2.76 9.31
C GLU E 237 37.31 -2.76 10.80
N ILE E 238 36.06 -3.10 11.10
CA ILE E 238 35.53 -3.15 12.47
C ILE E 238 36.46 -3.88 13.45
N ILE E 239 37.09 -4.96 13.00
CA ILE E 239 38.03 -5.70 13.84
C ILE E 239 39.38 -4.96 14.01
N THR E 240 39.79 -4.17 13.00
CA THR E 240 41.04 -3.41 13.07
C THR E 240 41.04 -2.46 14.27
N ASN E 241 39.92 -1.77 14.49
CA ASN E 241 39.78 -0.82 15.59
C ASN E 241 39.32 -1.45 16.92
N GLN E 242 39.34 -2.77 17.00
CA GLN E 242 39.01 -3.46 18.26
C GLN E 242 40.28 -3.71 19.10
N ILE E 243 41.42 -3.97 18.47
CA ILE E 243 42.66 -4.22 19.23
C ILE E 243 43.11 -3.01 20.06
N PRO E 244 43.32 -1.85 19.41
CA PRO E 244 43.82 -0.69 20.17
C PRO E 244 42.87 -0.25 21.29
N LYS E 245 41.57 -0.28 21.03
CA LYS E 245 40.56 0.13 22.01
C LYS E 245 40.34 -0.92 23.13
N TYR E 246 40.63 -2.19 22.83
CA TYR E 246 40.39 -3.30 23.76
C TYR E 246 41.64 -3.64 24.57
N ASN E 250 40.19 1.63 26.45
CA ASN E 250 39.47 2.76 25.89
C ASN E 250 37.94 2.58 25.94
N ILE E 251 37.48 1.38 26.32
CA ILE E 251 36.05 1.02 26.26
C ILE E 251 35.27 1.31 27.54
N LYS E 252 34.09 1.93 27.40
CA LYS E 252 33.26 2.36 28.54
C LYS E 252 31.84 1.81 28.45
N LYS E 253 31.58 0.68 29.11
CA LYS E 253 30.26 0.03 29.08
C LYS E 253 29.24 0.71 29.98
N LEU E 254 28.23 1.34 29.38
CA LEU E 254 27.15 1.97 30.15
C LEU E 254 26.22 0.91 30.76
N LEU E 255 26.29 0.75 32.08
CA LEU E 255 25.47 -0.26 32.78
C LEU E 255 24.11 0.28 33.20
N PHE E 256 23.22 -0.65 33.55
CA PHE E 256 21.92 -0.31 34.14
C PHE E 256 21.85 -0.62 35.63
N HIS E 257 22.58 -1.66 36.07
CA HIS E 257 22.55 -2.09 37.47
C HIS E 257 23.94 -1.97 38.12
N GLU F 2 41.67 4.99 8.33
CA GLU F 2 40.77 5.35 7.19
C GLU F 2 39.33 4.93 7.50
N ASN F 3 39.08 3.63 7.54
CA ASN F 3 37.74 3.07 7.77
C ASN F 3 36.71 3.57 6.75
N ALA F 4 37.11 3.56 5.48
CA ALA F 4 36.32 4.13 4.40
C ALA F 4 34.99 3.41 4.16
N LEU F 5 34.97 2.08 4.30
CA LEU F 5 33.76 1.30 4.05
C LEU F 5 32.65 1.72 4.99
N LEU F 6 32.91 1.65 6.29
CA LEU F 6 31.96 2.13 7.29
C LEU F 6 31.63 3.61 7.04
N ARG F 7 32.63 4.37 6.60
CA ARG F 7 32.46 5.79 6.30
C ARG F 7 31.64 6.02 5.03
N TYR F 8 31.72 5.09 4.08
CA TYR F 8 31.00 5.21 2.81
C TYR F 8 29.52 5.00 2.99
N LEU F 9 29.17 4.01 3.80
CA LEU F 9 27.78 3.62 4.06
C LEU F 9 27.10 4.54 5.09
N LEU F 10 27.75 5.66 5.42
CA LEU F 10 27.15 6.71 6.24
C LEU F 10 26.93 7.97 5.40
N ASP F 11 27.98 8.46 4.76
CA ASP F 11 27.86 9.63 3.87
C ASP F 11 27.15 9.21 2.58
C1 JZN G . -26.60 14.79 -2.92
F1 JZN G . -23.95 16.55 2.10
N1 JZN G . -26.40 19.41 -2.28
O1 JZN G . -26.89 14.07 -1.73
C2 JZN G . -26.21 14.73 -0.74
F2 JZN G . -29.95 18.92 -2.81
N2 JZN G . -23.78 22.19 -4.77
O2 JZN G . -28.53 19.44 -1.14
C3 JZN G . -24.86 14.46 -0.66
F3 JZN G . -28.33 17.88 -3.82
N3 JZN G . -24.59 22.95 -4.02
O3 JZN G . -25.00 23.22 -9.28
C4 JZN G . -24.10 15.07 0.30
F4 JZN G . -29.79 16.78 -2.58
N4 JZN G . -23.27 24.06 -10.46
O4 JZN G . -21.40 25.70 -10.94
C5 JZN G . -24.70 15.95 1.17
N5 JZN G . -22.81 26.76 -12.42
C6 JZN G . -26.05 16.23 1.08
C7 JZN G . -26.83 15.62 0.12
C8 JZN G . -28.29 15.94 0.08
C9 JZN G . -29.07 15.06 -0.86
C10 JZN G . -28.85 15.63 1.44
C11 JZN G . -28.62 17.41 -0.17
C12 JZN G . -28.20 18.10 -1.44
C13 JZN G . -26.72 18.10 -1.74
C14 JZN G . -25.40 19.48 -3.24
C15 JZN G . -24.78 18.41 -3.84
C16 JZN G . -23.80 18.54 -4.77
C17 JZN G . -23.20 17.30 -5.35
C18 JZN G . -23.35 19.77 -5.19
C19 JZN G . -23.97 20.84 -4.61
C20 JZN G . -25.30 22.05 -3.33
C21 JZN G . -24.95 20.72 -3.66
C22 JZN G . -23.07 22.75 -5.82
C23 JZN G . -21.77 23.14 -5.66
C24 JZN G . -21.11 23.69 -6.74
C25 JZN G . -21.75 23.85 -7.95
C26 JZN G . -23.06 23.44 -8.08
C27 JZN G . -23.73 22.90 -7.01
C28 JZN G . -23.84 23.57 -9.32
C29 JZN G . -23.44 23.20 -11.61
C30 JZN G . -24.62 23.71 -12.38
C31 JZN G . -24.77 25.14 -11.98
C32 JZN G . -23.76 25.33 -10.87
C33 JZN G . -22.52 25.93 -11.39
C34 JZN G . -29.05 17.90 -2.67
C1 JZN H . 13.69 -6.59 -7.17
F1 JZN H . 10.04 -6.41 -2.39
N1 JZN H . 8.16 -5.92 -8.09
O1 JZN H . 13.32 -5.32 -6.62
C2 JZN H . 12.47 -5.57 -5.56
F2 JZN H . 7.15 -2.31 -6.58
N2 JZN H . 5.82 -9.16 -10.35
O2 JZN H . 8.91 -3.35 -8.23
C3 JZN H . 12.66 -6.73 -4.85
F3 JZN H . 6.52 -4.19 -7.44
N3 JZN H . 6.01 -8.08 -11.14
O3 JZN H . 1.35 -9.89 -8.94
C4 JZN H . 11.85 -7.02 -3.79
F4 JZN H . 7.03 -4.07 -5.29
N4 JZN H . 0.08 -11.09 -10.35
O4 JZN H . -0.13 -13.32 -12.76
C5 JZN H . 10.85 -6.14 -3.44
N5 JZN H . -1.80 -13.02 -11.22
C6 JZN H . 10.66 -4.98 -4.15
C7 JZN H . 11.47 -4.67 -5.23
C8 JZN H . 11.19 -3.37 -5.95
C9 JZN H . 11.90 -2.29 -5.17
C10 JZN H . 11.72 -3.27 -7.36
C11 JZN H . 9.70 -3.06 -5.99
C12 JZN H . 8.79 -3.89 -6.92
C13 JZN H . 9.00 -5.40 -7.02
C14 JZN H . 7.61 -7.22 -8.00
C15 JZN H . 7.65 -8.06 -6.90
C16 JZN H . 7.07 -9.32 -6.92
C17 JZN H . 7.16 -10.16 -5.69
C18 JZN H . 6.42 -9.82 -8.02
C19 JZN H . 6.37 -8.99 -9.11
C20 JZN H . 6.68 -7.21 -10.39
C21 JZN H . 6.94 -7.73 -9.10
C22 JZN H . 4.82 -10.05 -10.74
C23 JZN H . 5.07 -11.03 -11.67
C24 JZN H . 4.07 -11.90 -12.06
C25 JZN H . 2.80 -11.81 -11.51
C26 JZN H . 2.57 -10.83 -10.58
C27 JZN H . 3.57 -9.96 -10.20
C28 JZN H . 1.28 -10.60 -9.92
C29 JZN H . -1.04 -10.58 -9.58
C30 JZN H . -2.22 -10.41 -10.49
C31 JZN H . -1.63 -10.48 -11.87
C32 JZN H . -0.33 -11.22 -11.72
C33 JZN H . -0.71 -12.63 -11.96
C34 JZN H . 7.40 -3.52 -6.46
C1 JZN I . 31.38 -20.23 14.79
F1 JZN I . 30.84 -15.26 18.24
N1 JZN I . 28.21 -14.11 12.99
O1 JZN I . 31.22 -18.93 14.22
C2 JZN I . 31.13 -18.01 15.26
F2 JZN I . 32.31 -13.37 12.27
N2 JZN I . 23.63 -13.66 12.54
O2 JZN I . 29.99 -14.90 11.44
C3 JZN I . 30.47 -18.35 16.42
F3 JZN I . 30.32 -12.55 12.09
N3 JZN I . 24.17 -13.83 11.32
O3 JZN I . 23.22 -8.90 12.88
C4 JZN I . 30.38 -17.43 17.43
F4 JZN I . 31.11 -12.89 14.05
N4 JZN I . 21.01 -8.26 12.79
O4 JZN I . 18.18 -8.52 10.88
C5 JZN I . 30.92 -16.18 17.27
N5 JZN I . 18.46 -7.47 12.90
C6 JZN I . 31.58 -15.84 16.12
C7 JZN I . 31.69 -16.74 15.09
C8 JZN I . 32.39 -16.31 13.86
C9 JZN I . 33.32 -15.15 14.11
C10 JZN I . 33.31 -17.42 13.41
C11 JZN I . 31.39 -16.03 12.75
C12 JZN I . 30.46 -14.81 12.77
C13 JZN I . 29.23 -14.92 13.64
C14 JZN I . 26.97 -13.94 13.64
C15 JZN I . 26.82 -13.83 15.01
C16 JZN I . 25.60 -13.66 15.61
C17 JZN I . 25.53 -13.55 17.09
C18 JZN I . 24.43 -13.59 14.88
C19 JZN I . 24.58 -13.69 13.52
C20 JZN I . 25.49 -13.94 11.54
C21 JZN I . 25.80 -13.87 12.91
C22 JZN I . 22.52 -12.82 12.59
C23 JZN I . 21.22 -13.30 12.53
C24 JZN I . 20.16 -12.42 12.58
C25 JZN I . 20.38 -11.07 12.67
C26 JZN I . 21.69 -10.60 12.72
C27 JZN I . 22.75 -11.46 12.68
C28 JZN I . 22.02 -9.18 12.82
C29 JZN I . 21.26 -7.02 13.51
C30 JZN I . 21.28 -5.91 12.48
C31 JZN I . 20.79 -6.52 11.19
C32 JZN I . 20.39 -7.94 11.54
C33 JZN I . 18.91 -8.01 11.72
C34 JZN I . 31.07 -13.42 12.81
#